data_4ITG
#
_entry.id   4ITG
#
_cell.length_a   59.926
_cell.length_b   152.769
_cell.length_c   150.848
_cell.angle_alpha   90.00
_cell.angle_beta   90.00
_cell.angle_gamma   90.00
#
_symmetry.space_group_name_H-M   'C 2 2 21'
#
loop_
_entity.id
_entity.type
_entity.pdbx_description
1 polymer 'Cystathionine beta-lyase MetC'
2 non-polymer '4-(2-HYDROXYETHYL)-1-PIPERAZINE ETHANESULFONIC ACID'
3 water water
#
_entity_poly.entity_id   1
_entity_poly.type   'polypeptide(L)'
_entity_poly.pdbx_seq_one_letter_code
;MADKKLDTQLVNAGRSKKYTLGAVNSVIQRASSLVFDSVEAKKHATRNRANGELFYGRRGTLTHFSLQQAMCELEGGAGC
VLFPCGAAAVANSILAFIEQGDHVLMTNTAYESSQDFCSKILSKLGVTTSWFDPLIGADIVKHLQPNTKIVFLESPGSIT
MEVHDVPAIVAAVRSVVPDAIIMIDNTWAAGVLFKALDFGIDVSIQAAT(LLP)YLVGHSDAMIGTAVCNARCWEQLREN
AYLMGQMVDADTAYITSRGLRTLGVRLRQHHESSLKVAEWLAEHPQVARVNHPALPGSKGHEFWKRDFTGSSGLFSFVLK
KKLNNEELANYLDNFSLFSMAYSWGGYESLILANQPEHIAAIRPQGEIDFSGTLIRLHIGLEDVDDLIADLDAGFARIV
;
_entity_poly.pdbx_strand_id   A,B
#
loop_
_chem_comp.id
_chem_comp.type
_chem_comp.name
_chem_comp.formula
EPE non-polymer '4-(2-HYDROXYETHYL)-1-PIPERAZINE ETHANESULFONIC ACID' 'C8 H18 N2 O4 S'
#
# COMPACT_ATOMS: atom_id res chain seq x y z
N LYS A 5 -19.98 -22.12 -14.70
CA LYS A 5 -20.21 -20.78 -14.21
C LYS A 5 -19.26 -20.29 -13.11
N LEU A 6 -18.45 -21.14 -12.43
CA LEU A 6 -17.54 -20.68 -11.38
C LEU A 6 -16.61 -19.57 -11.95
N ASP A 7 -16.10 -19.74 -13.17
CA ASP A 7 -15.19 -18.71 -13.70
C ASP A 7 -15.84 -17.36 -13.85
N THR A 8 -17.07 -17.32 -14.36
CA THR A 8 -17.81 -16.09 -14.47
C THR A 8 -18.16 -15.51 -13.11
N GLN A 9 -18.55 -16.37 -12.17
CA GLN A 9 -18.82 -15.93 -10.82
C GLN A 9 -17.58 -15.27 -10.17
N LEU A 10 -16.40 -15.90 -10.26
CA LEU A 10 -15.20 -15.34 -9.70
C LEU A 10 -14.87 -13.97 -10.26
N VAL A 11 -15.07 -13.79 -11.55
CA VAL A 11 -14.76 -12.55 -12.17
C VAL A 11 -15.65 -11.46 -11.66
N ASN A 12 -16.92 -11.79 -11.40
CA ASN A 12 -17.89 -10.76 -11.11
C ASN A 12 -18.35 -10.58 -9.66
N ALA A 13 -18.03 -11.54 -8.82
CA ALA A 13 -18.51 -11.63 -7.41
C ALA A 13 -18.17 -10.38 -6.68
N GLY A 14 -19.16 -9.77 -6.03
CA GLY A 14 -19.01 -8.51 -5.33
C GLY A 14 -18.89 -7.18 -6.07
N ARG A 15 -18.87 -7.22 -7.41
CA ARG A 15 -18.52 -6.04 -8.19
C ARG A 15 -19.78 -5.34 -8.63
N SER A 16 -20.59 -5.01 -7.64
CA SER A 16 -21.76 -4.17 -7.87
C SER A 16 -21.33 -2.73 -8.05
N LYS A 17 -22.13 -1.96 -8.79
CA LYS A 17 -21.72 -0.58 -9.07
C LYS A 17 -21.60 0.26 -7.85
N LYS A 18 -22.40 -0.02 -6.81
CA LYS A 18 -22.32 0.77 -5.58
C LYS A 18 -20.97 0.62 -4.85
N TYR A 19 -20.23 -0.45 -5.19
CA TYR A 19 -18.86 -0.65 -4.66
C TYR A 19 -17.72 -0.27 -5.61
N THR A 20 -17.98 -0.32 -6.93
CA THR A 20 -16.92 -0.07 -7.91
C THR A 20 -16.90 1.37 -8.37
N LEU A 21 -18.08 1.99 -8.38
CA LEU A 21 -18.22 3.45 -8.56
C LEU A 21 -17.54 3.96 -9.82
N GLY A 22 -17.65 3.18 -10.90
CA GLY A 22 -17.11 3.55 -12.23
C GLY A 22 -15.84 2.78 -12.64
N ALA A 23 -15.20 2.17 -11.67
CA ALA A 23 -13.95 1.38 -11.86
C ALA A 23 -14.35 -0.10 -12.10
N VAL A 24 -13.38 -0.92 -12.46
CA VAL A 24 -13.61 -2.35 -12.57
C VAL A 24 -13.62 -3.00 -11.19
N ASN A 25 -12.62 -2.67 -10.40
CA ASN A 25 -12.53 -3.21 -9.04
C ASN A 25 -13.26 -2.31 -8.04
N SER A 26 -13.61 -2.86 -6.88
CA SER A 26 -14.12 -2.05 -5.78
C SER A 26 -13.20 -0.94 -5.38
N VAL A 27 -13.77 0.17 -4.93
CA VAL A 27 -12.99 1.26 -4.40
C VAL A 27 -12.26 0.76 -3.12
N ILE A 28 -11.18 1.43 -2.75
CA ILE A 28 -10.59 1.21 -1.45
C ILE A 28 -10.96 2.40 -0.60
N GLN A 29 -11.83 2.18 0.36
CA GLN A 29 -12.33 3.21 1.25
C GLN A 29 -11.71 2.93 2.61
N ARG A 30 -10.69 3.70 2.95
CA ARG A 30 -10.03 3.58 4.21
C ARG A 30 -10.72 4.52 5.20
N ALA A 31 -11.12 3.96 6.33
CA ALA A 31 -11.80 4.76 7.31
C ALA A 31 -11.95 4.09 8.66
N SER A 32 -11.86 4.91 9.73
CA SER A 32 -12.46 4.60 11.02
C SER A 32 -13.78 5.39 11.07
N SER A 33 -13.69 6.71 11.25
CA SER A 33 -14.88 7.59 11.20
C SER A 33 -15.61 7.49 9.88
N LEU A 34 -16.94 7.34 9.94
CA LEU A 34 -17.79 7.46 8.80
C LEU A 34 -18.80 8.55 9.16
N VAL A 35 -19.01 9.49 8.25
CA VAL A 35 -19.69 10.75 8.52
C VAL A 35 -21.19 10.64 8.25
N PHE A 36 -21.96 11.16 9.19
CA PHE A 36 -23.37 11.19 9.06
C PHE A 36 -23.81 12.59 8.70
N ASP A 37 -24.55 12.77 7.61
CA ASP A 37 -24.84 14.14 7.18
C ASP A 37 -25.96 14.78 8.01
N SER A 38 -26.66 13.98 8.80
CA SER A 38 -27.73 14.52 9.66
C SER A 38 -28.03 13.52 10.77
N VAL A 39 -28.80 13.98 11.77
CA VAL A 39 -29.28 13.10 12.83
C VAL A 39 -30.12 11.94 12.24
N GLU A 40 -30.94 12.25 11.26
CA GLU A 40 -31.75 11.22 10.59
C GLU A 40 -30.85 10.18 9.91
N ALA A 41 -29.80 10.65 9.23
CA ALA A 41 -28.89 9.73 8.54
C ALA A 41 -28.19 8.80 9.52
N LYS A 42 -27.78 9.36 10.67
CA LYS A 42 -27.09 8.60 11.70
C LYS A 42 -28.05 7.57 12.31
N LYS A 43 -29.33 7.93 12.43
CA LYS A 43 -30.29 6.95 12.95
C LYS A 43 -30.46 5.81 11.92
N HIS A 44 -30.45 6.15 10.64
CA HIS A 44 -30.58 5.13 9.60
C HIS A 44 -29.35 4.23 9.57
N ALA A 45 -28.18 4.84 9.62
CA ALA A 45 -26.95 4.03 9.61
C ALA A 45 -26.90 3.09 10.81
N THR A 46 -27.30 3.61 11.98
CA THR A 46 -27.27 2.85 13.23
C THR A 46 -28.14 1.60 13.15
N ARG A 47 -29.35 1.76 12.64
CA ARG A 47 -30.29 0.68 12.44
CA ARG A 47 -30.29 0.66 12.45
C ARG A 47 -29.77 -0.38 11.45
N ASN A 48 -29.01 0.07 10.46
CA ASN A 48 -28.45 -0.76 9.43
C ASN A 48 -26.96 -1.01 9.58
N ARG A 49 -26.44 -0.80 10.77
CA ARG A 49 -24.94 -0.96 11.02
C ARG A 49 -24.34 -2.34 10.70
N ALA A 50 -25.16 -3.38 10.74
CA ALA A 50 -24.75 -4.76 10.43
C ALA A 50 -25.42 -5.25 9.14
N ASN A 51 -25.93 -4.28 8.34
CA ASN A 51 -26.74 -4.51 7.14
C ASN A 51 -26.18 -3.67 5.98
N GLY A 52 -24.87 -3.42 5.98
CA GLY A 52 -24.21 -2.93 4.80
C GLY A 52 -24.38 -1.46 4.57
N GLU A 53 -24.82 -0.71 5.59
CA GLU A 53 -24.74 0.76 5.52
C GLU A 53 -23.52 1.29 6.30
N LEU A 54 -22.95 2.38 5.81
CA LEU A 54 -21.77 2.94 6.42
C LEU A 54 -22.11 3.43 7.83
N PHE A 55 -21.37 2.91 8.83
CA PHE A 55 -21.59 3.30 10.22
C PHE A 55 -20.35 3.62 10.99
N TYR A 56 -19.43 2.67 10.99
CA TYR A 56 -18.16 2.84 11.67
C TYR A 56 -17.15 1.87 11.06
N GLY A 57 -15.88 2.25 10.93
CA GLY A 57 -14.93 1.43 10.21
C GLY A 57 -14.70 0.01 10.80
N ARG A 58 -14.97 -0.16 12.07
CA ARG A 58 -14.87 -1.50 12.69
C ARG A 58 -15.93 -2.43 12.06
N ARG A 59 -17.08 -1.91 11.64
CA ARG A 59 -18.03 -2.76 10.96
C ARG A 59 -17.79 -2.93 9.48
N GLY A 60 -16.98 -2.11 8.88
CA GLY A 60 -16.66 -2.19 7.48
C GLY A 60 -16.88 -0.89 6.77
N THR A 61 -16.20 -0.77 5.65
CA THR A 61 -16.50 0.26 4.66
C THR A 61 -16.97 -0.41 3.36
N LEU A 62 -17.19 0.38 2.31
CA LEU A 62 -17.64 -0.19 1.04
C LEU A 62 -16.74 -1.34 0.55
N THR A 63 -15.45 -1.23 0.82
CA THR A 63 -14.49 -2.27 0.42
C THR A 63 -14.76 -3.62 1.07
N HIS A 64 -14.96 -3.59 2.38
CA HIS A 64 -15.32 -4.82 3.10
C HIS A 64 -16.63 -5.34 2.59
N PHE A 65 -17.60 -4.45 2.38
CA PHE A 65 -18.95 -4.91 2.00
C PHE A 65 -18.92 -5.64 0.67
N SER A 66 -18.08 -5.13 -0.24
CA SER A 66 -17.82 -5.79 -1.52
C SER A 66 -17.26 -7.21 -1.36
N LEU A 67 -16.20 -7.36 -0.56
CA LEU A 67 -15.64 -8.70 -0.32
C LEU A 67 -16.69 -9.62 0.29
N GLN A 68 -17.40 -9.10 1.28
CA GLN A 68 -18.45 -9.86 1.96
C GLN A 68 -19.49 -10.41 1.01
N GLN A 69 -19.97 -9.58 0.09
CA GLN A 69 -20.97 -9.99 -0.86
C GLN A 69 -20.40 -11.08 -1.79
N ALA A 70 -19.14 -10.90 -2.24
CA ALA A 70 -18.44 -11.87 -3.07
C ALA A 70 -18.31 -13.25 -2.42
N MET A 71 -17.90 -13.25 -1.15
CA MET A 71 -17.75 -14.49 -0.40
C MET A 71 -19.11 -15.18 -0.16
N CYS A 72 -20.16 -14.40 0.08
CA CYS A 72 -21.49 -14.97 0.25
C CYS A 72 -21.96 -15.57 -1.06
N GLU A 73 -21.74 -14.88 -2.19
CA GLU A 73 -22.10 -15.44 -3.52
C GLU A 73 -21.32 -16.72 -3.79
N LEU A 74 -20.01 -16.72 -3.56
CA LEU A 74 -19.19 -17.88 -3.90
C LEU A 74 -19.48 -19.12 -3.09
N GLU A 75 -19.67 -18.95 -1.80
CA GLU A 75 -19.85 -20.04 -0.88
C GLU A 75 -21.29 -20.25 -0.50
N GLY A 76 -22.22 -19.46 -1.03
CA GLY A 76 -23.65 -19.73 -0.80
C GLY A 76 -24.13 -19.48 0.62
N GLY A 77 -23.58 -18.41 1.19
CA GLY A 77 -23.84 -18.03 2.53
C GLY A 77 -24.80 -16.89 2.71
N ALA A 78 -25.31 -16.77 3.93
CA ALA A 78 -26.12 -15.64 4.39
C ALA A 78 -25.24 -14.47 4.80
N GLY A 79 -24.02 -14.73 5.24
CA GLY A 79 -23.15 -13.63 5.67
C GLY A 79 -21.72 -14.11 5.71
N CYS A 80 -20.84 -13.13 5.69
CA CYS A 80 -19.38 -13.42 5.73
C CYS A 80 -18.77 -12.59 6.80
N VAL A 81 -18.07 -13.24 7.73
CA VAL A 81 -17.42 -12.53 8.77
C VAL A 81 -15.93 -12.51 8.51
N LEU A 82 -15.30 -11.35 8.75
CA LEU A 82 -13.88 -11.10 8.44
C LEU A 82 -13.00 -11.02 9.68
N PHE A 83 -11.75 -11.47 9.49
CA PHE A 83 -10.75 -11.58 10.52
C PHE A 83 -9.37 -11.24 10.03
N PRO A 84 -8.41 -10.95 10.96
CA PRO A 84 -7.08 -10.58 10.55
C PRO A 84 -6.21 -11.71 9.99
N CYS A 85 -6.59 -12.97 10.21
CA CYS A 85 -5.93 -14.10 9.58
C CYS A 85 -6.76 -15.32 9.77
N GLY A 86 -6.37 -16.42 9.17
CA GLY A 86 -7.13 -17.66 9.34
C GLY A 86 -7.19 -18.12 10.79
N ALA A 87 -6.08 -18.04 11.54
CA ALA A 87 -6.09 -18.57 12.89
C ALA A 87 -7.09 -17.76 13.75
N ALA A 88 -7.24 -16.47 13.44
CA ALA A 88 -8.18 -15.59 14.13
C ALA A 88 -9.61 -16.02 13.79
N ALA A 89 -9.83 -16.43 12.55
CA ALA A 89 -11.17 -16.85 12.07
C ALA A 89 -11.58 -18.15 12.80
N VAL A 90 -10.60 -19.06 12.94
CA VAL A 90 -10.86 -20.35 13.62
C VAL A 90 -11.19 -20.11 15.11
N ALA A 91 -10.35 -19.34 15.79
CA ALA A 91 -10.41 -19.17 17.23
C ALA A 91 -11.63 -18.42 17.58
N ASN A 92 -11.92 -17.37 16.81
CA ASN A 92 -13.04 -16.58 17.13
C ASN A 92 -14.38 -17.14 16.68
N SER A 93 -14.43 -17.95 15.63
CA SER A 93 -15.68 -18.55 15.21
C SER A 93 -16.09 -19.57 16.28
N ILE A 94 -15.11 -20.35 16.74
CA ILE A 94 -15.38 -21.27 17.88
C ILE A 94 -15.81 -20.50 19.10
N LEU A 95 -15.02 -19.49 19.49
CA LEU A 95 -15.40 -18.71 20.68
C LEU A 95 -16.81 -18.15 20.60
N ALA A 96 -17.24 -17.75 19.41
CA ALA A 96 -18.51 -17.10 19.25
C ALA A 96 -19.68 -17.97 19.67
N PHE A 97 -19.51 -19.28 19.66
CA PHE A 97 -20.61 -20.17 19.96
C PHE A 97 -20.47 -20.98 21.24
N ILE A 98 -19.38 -20.81 22.00
CA ILE A 98 -19.23 -21.60 23.21
C ILE A 98 -19.56 -20.81 24.51
N GLU A 99 -19.75 -21.59 25.57
CA GLU A 99 -20.00 -21.12 26.92
C GLU A 99 -19.38 -22.13 27.85
N GLN A 100 -19.05 -21.70 29.05
CA GLN A 100 -18.59 -22.59 30.10
C GLN A 100 -19.47 -23.82 30.20
N GLY A 101 -18.85 -24.99 30.24
CA GLY A 101 -19.54 -26.28 30.33
C GLY A 101 -19.76 -26.99 29.01
N ASP A 102 -19.40 -26.35 27.89
CA ASP A 102 -19.56 -26.90 26.51
C ASP A 102 -18.43 -27.88 26.23
N HIS A 103 -18.69 -28.76 25.28
CA HIS A 103 -17.77 -29.65 24.63
C HIS A 103 -17.63 -29.28 23.17
N VAL A 104 -16.40 -29.25 22.77
CA VAL A 104 -16.00 -29.18 21.36
C VAL A 104 -15.39 -30.51 20.86
N LEU A 105 -15.84 -30.94 19.68
CA LEU A 105 -15.32 -32.18 19.04
C LEU A 105 -14.63 -31.81 17.74
N MET A 106 -13.32 -32.05 17.65
CA MET A 106 -12.50 -31.57 16.53
C MET A 106 -11.71 -32.70 15.88
N THR A 107 -11.58 -32.67 14.57
CA THR A 107 -10.83 -33.71 13.92
C THR A 107 -9.37 -33.65 14.42
N ASN A 108 -8.77 -34.80 14.63
CA ASN A 108 -7.38 -34.80 15.08
C ASN A 108 -6.34 -34.40 14.02
N THR A 109 -6.77 -34.19 12.76
CA THR A 109 -5.95 -33.66 11.69
C THR A 109 -6.17 -32.18 11.48
N ALA A 110 -6.84 -31.54 12.47
CA ALA A 110 -7.00 -30.09 12.37
C ALA A 110 -5.65 -29.42 12.39
N TYR A 111 -5.57 -28.28 11.68
CA TYR A 111 -4.47 -27.35 11.77
C TYR A 111 -3.96 -27.14 13.21
N GLU A 112 -2.65 -27.23 13.39
CA GLU A 112 -2.12 -27.26 14.74
C GLU A 112 -2.53 -26.06 15.60
N SER A 113 -2.56 -24.88 15.03
CA SER A 113 -2.95 -23.72 15.84
C SER A 113 -4.41 -23.76 16.27
N SER A 114 -5.25 -24.51 15.53
CA SER A 114 -6.64 -24.74 15.84
C SER A 114 -6.71 -25.63 17.06
N GLN A 115 -5.87 -26.66 17.08
CA GLN A 115 -5.85 -27.55 18.22
C GLN A 115 -5.36 -26.79 19.45
N ASP A 116 -4.30 -26.01 19.28
CA ASP A 116 -3.72 -25.23 20.35
C ASP A 116 -4.68 -24.26 21.00
N PHE A 117 -5.45 -23.55 20.20
CA PHE A 117 -6.47 -22.68 20.70
C PHE A 117 -7.39 -23.49 21.64
N CYS A 118 -7.78 -24.71 21.21
CA CYS A 118 -8.73 -25.44 22.04
C CYS A 118 -8.05 -25.94 23.33
N SER A 119 -6.82 -26.47 23.20
CA SER A 119 -6.18 -27.08 24.34
C SER A 119 -5.63 -26.09 25.36
N LYS A 120 -5.28 -24.89 24.88
CA LYS A 120 -4.62 -23.89 25.70
C LYS A 120 -5.52 -22.73 26.11
N ILE A 121 -6.47 -22.34 25.24
CA ILE A 121 -7.37 -21.26 25.58
C ILE A 121 -8.71 -21.74 26.08
N LEU A 122 -9.39 -22.63 25.37
CA LEU A 122 -10.78 -22.99 25.76
C LEU A 122 -10.76 -23.73 27.09
N SER A 123 -9.75 -24.55 27.31
CA SER A 123 -9.65 -25.33 28.52
C SER A 123 -9.75 -24.46 29.77
N LYS A 124 -9.23 -23.26 29.77
CA LYS A 124 -9.25 -22.38 30.95
C LYS A 124 -10.61 -21.74 31.18
N LEU A 125 -11.47 -21.82 30.19
CA LEU A 125 -12.79 -21.17 30.16
C LEU A 125 -13.90 -22.18 30.41
N GLY A 126 -13.54 -23.37 30.88
CA GLY A 126 -14.57 -24.31 31.21
C GLY A 126 -15.15 -25.09 30.05
N VAL A 127 -14.38 -25.13 28.96
CA VAL A 127 -14.79 -25.81 27.74
C VAL A 127 -13.81 -26.95 27.49
N THR A 128 -14.30 -28.15 27.25
CA THR A 128 -13.41 -29.29 27.09
C THR A 128 -13.47 -29.62 25.59
N THR A 129 -12.38 -30.17 25.12
CA THR A 129 -12.27 -30.58 23.74
C THR A 129 -11.91 -32.02 23.66
N SER A 130 -12.51 -32.74 22.70
CA SER A 130 -11.92 -34.05 22.38
C SER A 130 -11.83 -34.19 20.87
N TRP A 131 -11.36 -35.34 20.42
N TRP A 131 -11.16 -35.25 20.41
CA TRP A 131 -10.83 -35.49 19.08
CA TRP A 131 -10.75 -35.34 19.00
C TRP A 131 -11.41 -36.70 18.37
C TRP A 131 -11.03 -36.71 18.34
N PHE A 132 -11.29 -36.68 17.04
CA PHE A 132 -11.68 -37.86 16.26
C PHE A 132 -10.83 -38.08 15.06
N ASP A 133 -10.77 -39.32 14.68
CA ASP A 133 -10.18 -39.77 13.45
C ASP A 133 -10.93 -39.25 12.27
N PRO A 134 -10.19 -38.68 11.28
CA PRO A 134 -10.89 -38.04 10.18
C PRO A 134 -11.72 -38.96 9.30
N LEU A 135 -11.49 -40.26 9.39
CA LEU A 135 -12.17 -41.21 8.52
C LEU A 135 -13.36 -41.89 9.28
N ILE A 136 -13.74 -41.34 10.42
CA ILE A 136 -14.73 -41.94 11.30
C ILE A 136 -16.13 -42.01 10.66
N GLY A 137 -16.48 -41.07 9.79
CA GLY A 137 -17.82 -41.05 9.16
C GLY A 137 -18.93 -41.08 10.21
N ALA A 138 -19.91 -41.98 9.99
CA ALA A 138 -21.13 -42.05 10.82
C ALA A 138 -20.81 -42.50 12.21
N ASP A 139 -19.69 -43.17 12.43
CA ASP A 139 -19.29 -43.63 13.76
CA ASP A 139 -19.32 -43.63 13.77
C ASP A 139 -18.91 -42.49 14.71
N ILE A 140 -18.83 -41.25 14.20
CA ILE A 140 -18.62 -40.07 15.06
C ILE A 140 -19.59 -40.00 16.22
N VAL A 141 -20.76 -40.66 16.12
CA VAL A 141 -21.77 -40.61 17.20
C VAL A 141 -21.17 -41.07 18.52
N LYS A 142 -20.16 -41.93 18.51
CA LYS A 142 -19.54 -42.40 19.76
C LYS A 142 -18.84 -41.27 20.52
N HIS A 143 -18.50 -40.19 19.83
CA HIS A 143 -17.74 -39.11 20.43
C HIS A 143 -18.64 -38.00 20.84
N LEU A 144 -19.93 -38.02 20.44
CA LEU A 144 -20.85 -36.91 20.73
C LEU A 144 -21.30 -37.00 22.21
N GLN A 145 -21.45 -35.85 22.86
CA GLN A 145 -21.87 -35.78 24.27
C GLN A 145 -23.11 -34.89 24.32
N PRO A 146 -23.91 -34.95 25.40
CA PRO A 146 -25.10 -34.15 25.46
C PRO A 146 -24.79 -32.64 25.39
N ASN A 147 -23.55 -32.31 25.79
CA ASN A 147 -23.04 -30.92 25.86
C ASN A 147 -22.12 -30.60 24.68
N THR A 148 -22.04 -31.46 23.68
CA THR A 148 -21.34 -31.07 22.42
C THR A 148 -22.00 -29.92 21.69
N LYS A 149 -21.29 -28.80 21.62
CA LYS A 149 -21.81 -27.58 20.99
C LYS A 149 -21.21 -27.33 19.61
N ILE A 150 -19.98 -27.77 19.40
CA ILE A 150 -19.30 -27.53 18.15
C ILE A 150 -18.70 -28.85 17.65
N VAL A 151 -18.90 -29.11 16.37
CA VAL A 151 -18.20 -30.19 15.67
C VAL A 151 -17.39 -29.52 14.56
N PHE A 152 -16.09 -29.68 14.66
CA PHE A 152 -15.15 -28.95 13.84
C PHE A 152 -14.41 -29.89 12.89
N LEU A 153 -14.65 -29.69 11.60
CA LEU A 153 -14.11 -30.49 10.58
C LEU A 153 -12.97 -29.79 9.83
N GLU A 154 -12.10 -30.57 9.20
CA GLU A 154 -11.12 -29.97 8.28
C GLU A 154 -10.82 -31.05 7.25
N SER A 155 -11.20 -30.78 6.00
CA SER A 155 -11.16 -31.76 4.93
C SER A 155 -10.70 -31.10 3.65
N PRO A 156 -9.59 -31.59 3.07
CA PRO A 156 -8.66 -32.53 3.64
C PRO A 156 -7.95 -32.05 4.91
N GLY A 157 -7.38 -32.96 5.65
CA GLY A 157 -6.67 -32.63 6.90
C GLY A 157 -5.39 -31.89 6.67
N SER A 158 -4.94 -31.17 7.71
CA SER A 158 -3.67 -30.53 7.64
C SER A 158 -2.57 -31.58 7.52
N ILE A 159 -1.67 -31.31 6.61
CA ILE A 159 -0.41 -32.03 6.45
C ILE A 159 -0.55 -33.44 5.85
N THR A 160 -1.33 -34.29 6.51
CA THR A 160 -1.56 -35.69 6.14
C THR A 160 -2.70 -35.89 5.11
N MET A 161 -3.55 -34.89 4.91
CA MET A 161 -4.48 -34.82 3.76
C MET A 161 -5.70 -35.76 3.73
N GLU A 162 -6.11 -36.31 4.87
CA GLU A 162 -7.21 -37.20 4.92
C GLU A 162 -8.51 -36.47 4.64
N VAL A 163 -9.33 -37.01 3.75
CA VAL A 163 -10.61 -36.38 3.42
C VAL A 163 -11.74 -37.03 4.27
N HIS A 164 -12.56 -36.23 4.91
CA HIS A 164 -13.73 -36.70 5.59
C HIS A 164 -14.82 -37.15 4.63
N ASP A 165 -15.79 -37.91 5.16
CA ASP A 165 -17.07 -38.20 4.53
C ASP A 165 -18.07 -37.24 5.18
N VAL A 166 -18.13 -36.04 4.65
CA VAL A 166 -18.88 -34.99 5.31
C VAL A 166 -20.40 -35.32 5.40
N PRO A 167 -20.98 -35.83 4.33
CA PRO A 167 -22.39 -36.25 4.43
C PRO A 167 -22.70 -37.16 5.61
N ALA A 168 -21.81 -38.12 5.84
CA ALA A 168 -22.01 -39.11 6.87
C ALA A 168 -21.89 -38.50 8.21
N ILE A 169 -20.86 -37.65 8.37
CA ILE A 169 -20.63 -36.95 9.64
C ILE A 169 -21.83 -36.03 9.96
N VAL A 170 -22.27 -35.25 8.97
CA VAL A 170 -23.31 -34.29 9.23
C VAL A 170 -24.62 -34.97 9.60
N ALA A 171 -24.97 -36.05 8.90
CA ALA A 171 -26.22 -36.74 9.23
C ALA A 171 -26.18 -37.36 10.63
N ALA A 172 -25.00 -37.85 11.01
CA ALA A 172 -24.82 -38.43 12.31
C ALA A 172 -24.98 -37.37 13.39
N VAL A 173 -24.33 -36.21 13.20
CA VAL A 173 -24.37 -35.12 14.17
C VAL A 173 -25.77 -34.55 14.33
N ARG A 174 -26.45 -34.34 13.21
CA ARG A 174 -27.83 -33.79 13.25
C ARG A 174 -28.80 -34.76 13.90
N SER A 175 -28.54 -36.06 13.74
CA SER A 175 -29.38 -37.09 14.39
C SER A 175 -29.26 -37.14 15.92
N VAL A 176 -28.14 -36.69 16.50
CA VAL A 176 -27.86 -36.85 17.93
C VAL A 176 -27.83 -35.51 18.70
N VAL A 177 -27.21 -34.47 18.10
CA VAL A 177 -27.09 -33.12 18.70
C VAL A 177 -27.46 -32.08 17.67
N PRO A 178 -28.78 -31.94 17.37
CA PRO A 178 -29.15 -31.05 16.24
C PRO A 178 -28.85 -29.58 16.51
N ASP A 179 -28.64 -29.21 17.78
CA ASP A 179 -28.24 -27.85 18.13
C ASP A 179 -26.76 -27.52 17.89
N ALA A 180 -25.93 -28.54 17.64
CA ALA A 180 -24.49 -28.35 17.44
C ALA A 180 -24.24 -27.46 16.23
N ILE A 181 -23.18 -26.67 16.32
CA ILE A 181 -22.67 -25.88 15.24
C ILE A 181 -21.61 -26.71 14.58
N ILE A 182 -21.82 -26.98 13.28
CA ILE A 182 -20.83 -27.75 12.50
C ILE A 182 -20.05 -26.74 11.66
N MET A 183 -18.73 -26.76 11.84
CA MET A 183 -17.84 -25.82 11.22
C MET A 183 -16.83 -26.60 10.42
N ILE A 184 -16.33 -26.00 9.35
CA ILE A 184 -15.23 -26.65 8.64
C ILE A 184 -14.15 -25.64 8.28
N ASP A 185 -12.88 -26.00 8.47
CA ASP A 185 -11.77 -25.28 7.88
C ASP A 185 -11.62 -25.75 6.43
N ASN A 186 -12.14 -24.92 5.54
CA ASN A 186 -12.29 -25.24 4.12
C ASN A 186 -11.20 -24.53 3.26
N THR A 187 -10.02 -24.26 3.83
CA THR A 187 -8.98 -23.52 3.16
C THR A 187 -8.40 -24.24 1.95
N TRP A 188 -8.17 -25.54 2.08
CA TRP A 188 -7.57 -26.28 0.97
C TRP A 188 -8.35 -26.17 -0.31
N ALA A 189 -9.69 -26.22 -0.15
CA ALA A 189 -10.63 -26.10 -1.26
C ALA A 189 -10.89 -24.66 -1.71
N ALA A 190 -10.25 -23.71 -1.05
CA ALA A 190 -10.46 -22.29 -1.27
C ALA A 190 -11.94 -21.92 -1.25
N GLY A 191 -12.71 -22.62 -0.38
CA GLY A 191 -14.15 -22.53 -0.37
C GLY A 191 -14.99 -22.85 -1.61
N VAL A 192 -14.37 -23.05 -2.75
CA VAL A 192 -15.09 -23.17 -4.01
C VAL A 192 -15.02 -24.58 -4.53
N LEU A 193 -14.01 -25.35 -4.17
CA LEU A 193 -13.93 -26.74 -4.67
C LEU A 193 -14.73 -27.72 -3.80
N PHE A 194 -15.12 -27.29 -2.62
CA PHE A 194 -16.06 -28.05 -1.76
C PHE A 194 -17.10 -27.09 -1.22
N LYS A 195 -18.35 -27.26 -1.64
CA LYS A 195 -19.42 -26.29 -1.27
C LYS A 195 -20.02 -26.65 0.09
N ALA A 196 -19.26 -26.34 1.13
CA ALA A 196 -19.55 -26.86 2.50
C ALA A 196 -20.97 -26.56 2.97
N LEU A 197 -21.40 -25.33 2.73
CA LEU A 197 -22.79 -24.94 3.16
C LEU A 197 -23.91 -25.78 2.51
N ASP A 198 -23.68 -26.22 1.28
CA ASP A 198 -24.63 -27.11 0.59
C ASP A 198 -24.70 -28.51 1.23
N PHE A 199 -23.72 -28.90 2.05
CA PHE A 199 -23.66 -30.23 2.70
C PHE A 199 -24.15 -30.18 4.14
N GLY A 200 -24.76 -29.07 4.53
CA GLY A 200 -25.31 -28.95 5.88
C GLY A 200 -24.37 -28.43 6.95
N ILE A 201 -23.17 -28.00 6.54
CA ILE A 201 -22.21 -27.38 7.49
C ILE A 201 -22.73 -25.97 7.73
N ASP A 202 -22.59 -25.50 8.97
CA ASP A 202 -23.06 -24.20 9.39
C ASP A 202 -22.09 -23.10 9.08
N VAL A 203 -20.80 -23.39 9.20
CA VAL A 203 -19.85 -22.32 8.98
C VAL A 203 -18.70 -22.81 8.19
N SER A 204 -18.38 -22.12 7.08
CA SER A 204 -17.20 -22.44 6.30
C SER A 204 -16.10 -21.40 6.54
N ILE A 205 -14.97 -21.84 7.14
CA ILE A 205 -13.90 -20.96 7.55
C ILE A 205 -12.72 -21.14 6.56
N GLN A 206 -12.12 -20.05 6.12
CA GLN A 206 -10.87 -20.08 5.38
C GLN A 206 -9.77 -19.18 5.88
N ALA A 207 -8.53 -19.68 5.81
CA ALA A 207 -7.36 -18.81 5.77
C ALA A 207 -7.30 -18.26 4.35
N ALA A 208 -7.95 -17.11 4.15
CA ALA A 208 -7.95 -16.40 2.88
C ALA A 208 -6.52 -15.99 2.49
N THR A 209 -5.65 -15.92 3.50
CA THR A 209 -4.23 -15.91 3.39
C THR A 209 -3.65 -16.85 2.28
N1 LLP A 210 -6.26 -23.23 8.44
C2 LLP A 210 -5.47 -23.98 7.67
C2' LLP A 210 -5.96 -25.21 7.10
C3 LLP A 210 -4.20 -23.49 7.48
O3 LLP A 210 -3.35 -24.19 6.70
C4 LLP A 210 -3.71 -22.30 8.03
C4' LLP A 210 -2.38 -21.95 7.58
C5 LLP A 210 -4.56 -21.51 8.84
C6 LLP A 210 -5.82 -22.04 9.09
C5' LLP A 210 -4.20 -20.29 9.54
OP4 LLP A 210 -4.22 -19.15 8.69
P LLP A 210 -3.30 -17.83 8.96
OP1 LLP A 210 -3.93 -16.96 7.93
OP2 LLP A 210 -1.91 -18.36 8.82
OP3 LLP A 210 -3.55 -17.48 10.42
N LLP A 210 -4.29 -18.02 2.08
CA LLP A 210 -3.79 -19.07 1.25
CB LLP A 210 -4.16 -20.49 1.84
CG LLP A 210 -3.30 -20.96 3.09
CD LLP A 210 -2.84 -20.00 4.11
CE LLP A 210 -1.88 -20.71 5.20
NZ LLP A 210 -2.53 -21.71 6.06
C LLP A 210 -4.27 -18.80 -0.17
O LLP A 210 -3.88 -17.78 -0.74
N TYR A 211 -5.12 -19.63 -0.77
CA TYR A 211 -5.45 -19.46 -2.18
C TYR A 211 -6.27 -18.24 -2.58
N LEU A 212 -7.07 -17.66 -1.68
CA LEU A 212 -7.88 -16.57 -2.12
C LEU A 212 -6.95 -15.40 -2.43
N VAL A 213 -6.04 -15.04 -1.49
CA VAL A 213 -5.01 -14.00 -1.75
C VAL A 213 -4.09 -14.45 -2.89
N GLY A 214 -3.58 -15.70 -2.82
CA GLY A 214 -2.86 -16.29 -3.95
C GLY A 214 -1.41 -15.93 -4.17
N HIS A 215 -0.87 -14.99 -3.38
CA HIS A 215 0.44 -14.46 -3.65
C HIS A 215 1.35 -14.32 -2.42
N SER A 216 0.92 -14.88 -1.29
CA SER A 216 1.71 -14.98 -0.09
C SER A 216 2.06 -13.65 0.54
N ASP A 217 1.20 -12.65 0.37
N ASP A 217 1.29 -12.60 0.28
CA ASP A 217 1.56 -11.28 0.71
CA ASP A 217 1.62 -11.33 0.91
C ASP A 217 0.49 -10.51 1.51
C ASP A 217 0.69 -11.13 2.11
N ALA A 218 -0.57 -11.18 1.88
CA ALA A 218 -1.61 -10.61 2.78
C ALA A 218 -2.17 -11.70 3.67
N MET A 219 -2.55 -11.36 4.90
CA MET A 219 -3.16 -12.35 5.80
C MET A 219 -4.61 -11.93 6.11
N ILE A 220 -5.51 -12.90 6.17
CA ILE A 220 -6.98 -12.61 6.26
C ILE A 220 -7.68 -13.92 6.49
N GLY A 221 -8.61 -13.89 7.43
CA GLY A 221 -9.51 -15.02 7.66
C GLY A 221 -10.95 -14.63 7.28
N THR A 222 -11.72 -15.61 6.81
CA THR A 222 -13.12 -15.48 6.44
C THR A 222 -13.95 -16.60 7.06
N ALA A 223 -15.18 -16.32 7.47
CA ALA A 223 -16.10 -17.33 7.93
C ALA A 223 -17.43 -17.09 7.25
N VAL A 224 -17.78 -17.93 6.28
CA VAL A 224 -19.12 -17.79 5.60
C VAL A 224 -20.11 -18.66 6.32
N CYS A 225 -21.21 -18.05 6.69
CA CYS A 225 -22.26 -18.60 7.59
C CYS A 225 -23.55 -18.81 6.88
N ASN A 226 -24.25 -19.88 7.23
CA ASN A 226 -25.67 -19.96 6.91
C ASN A 226 -26.52 -18.95 7.72
N ALA A 227 -27.81 -18.85 7.38
CA ALA A 227 -28.74 -17.91 8.03
C ALA A 227 -28.92 -18.22 9.52
N ARG A 228 -28.83 -19.48 9.89
CA ARG A 228 -28.99 -19.95 11.28
C ARG A 228 -27.95 -19.33 12.20
N CYS A 229 -26.73 -19.24 11.71
CA CYS A 229 -25.56 -18.97 12.58
C CYS A 229 -24.93 -17.61 12.35
N TRP A 230 -25.31 -16.91 11.27
CA TRP A 230 -24.60 -15.72 10.87
C TRP A 230 -24.61 -14.63 11.98
N GLU A 231 -25.81 -14.29 12.48
CA GLU A 231 -25.99 -13.23 13.49
C GLU A 231 -25.12 -13.44 14.75
N GLN A 232 -25.14 -14.62 15.32
CA GLN A 232 -24.31 -14.90 16.47
C GLN A 232 -22.84 -14.79 16.13
N LEU A 233 -22.39 -15.35 15.01
CA LEU A 233 -20.94 -15.28 14.71
C LEU A 233 -20.53 -13.83 14.49
N ARG A 234 -21.35 -13.12 13.74
CA ARG A 234 -21.02 -11.76 13.36
C ARG A 234 -20.91 -10.89 14.64
N GLU A 235 -21.99 -10.88 15.44
CA GLU A 235 -22.01 -10.03 16.65
C GLU A 235 -21.01 -10.41 17.69
N ASN A 236 -20.76 -11.72 17.89
CA ASN A 236 -19.81 -12.11 18.90
C ASN A 236 -18.41 -11.90 18.43
N ALA A 237 -18.14 -12.07 17.15
CA ALA A 237 -16.76 -11.74 16.74
C ALA A 237 -16.53 -10.22 16.77
N TYR A 238 -17.60 -9.45 16.56
CA TYR A 238 -17.50 -7.99 16.59
C TYR A 238 -17.15 -7.55 18.02
N LEU A 239 -17.70 -8.25 19.01
CA LEU A 239 -17.45 -7.93 20.35
C LEU A 239 -15.98 -8.19 20.74
N MET A 240 -15.31 -9.04 19.98
CA MET A 240 -13.89 -9.33 20.15
C MET A 240 -13.05 -8.44 19.24
N GLY A 241 -13.72 -7.52 18.56
CA GLY A 241 -13.07 -6.54 17.75
C GLY A 241 -12.50 -7.08 16.47
N GLN A 242 -13.04 -8.20 16.01
CA GLN A 242 -12.50 -8.76 14.80
C GLN A 242 -12.89 -8.01 13.50
N MET A 243 -11.87 -7.71 12.70
CA MET A 243 -12.05 -7.06 11.42
C MET A 243 -10.72 -7.30 10.66
N VAL A 244 -10.71 -6.88 9.39
CA VAL A 244 -9.53 -6.88 8.58
C VAL A 244 -9.46 -5.52 7.92
N ASP A 245 -8.27 -5.10 7.54
CA ASP A 245 -8.13 -3.77 6.94
C ASP A 245 -8.70 -3.70 5.54
N ALA A 246 -9.15 -2.53 5.14
CA ALA A 246 -9.71 -2.31 3.79
C ALA A 246 -8.84 -2.75 2.67
N ASP A 247 -7.57 -2.43 2.73
CA ASP A 247 -6.65 -2.77 1.63
C ASP A 247 -6.56 -4.30 1.44
N THR A 248 -6.51 -5.02 2.55
CA THR A 248 -6.49 -6.48 2.54
C THR A 248 -7.78 -7.02 2.01
N ALA A 249 -8.91 -6.46 2.38
CA ALA A 249 -10.18 -6.85 1.79
C ALA A 249 -10.14 -6.67 0.29
N TYR A 250 -9.56 -5.56 -0.17
CA TYR A 250 -9.49 -5.32 -1.61
C TYR A 250 -8.61 -6.37 -2.31
N ILE A 251 -7.48 -6.66 -1.70
CA ILE A 251 -6.57 -7.58 -2.30
C ILE A 251 -7.17 -8.99 -2.33
N THR A 252 -7.96 -9.33 -1.31
CA THR A 252 -8.68 -10.61 -1.34
C THR A 252 -9.69 -10.74 -2.47
N SER A 253 -10.53 -9.73 -2.61
CA SER A 253 -11.47 -9.61 -3.75
C SER A 253 -10.70 -9.78 -5.05
N ARG A 254 -9.55 -9.15 -5.13
CA ARG A 254 -8.72 -9.16 -6.34
C ARG A 254 -8.15 -10.55 -6.63
N GLY A 255 -7.82 -11.29 -5.59
CA GLY A 255 -7.28 -12.70 -5.72
C GLY A 255 -8.33 -13.62 -6.32
N LEU A 256 -9.58 -13.37 -6.00
CA LEU A 256 -10.65 -14.21 -6.46
C LEU A 256 -10.68 -14.21 -7.98
N ARG A 257 -10.32 -13.09 -8.57
CA ARG A 257 -10.39 -12.98 -10.00
C ARG A 257 -9.61 -13.98 -10.80
N THR A 258 -8.48 -14.41 -10.24
CA THR A 258 -7.64 -15.37 -10.91
C THR A 258 -7.72 -16.74 -10.26
N LEU A 259 -8.62 -16.88 -9.28
CA LEU A 259 -8.63 -18.14 -8.54
C LEU A 259 -8.89 -19.42 -9.38
N GLY A 260 -9.77 -19.31 -10.35
CA GLY A 260 -10.07 -20.44 -11.25
C GLY A 260 -8.88 -20.81 -12.10
N VAL A 261 -8.25 -19.84 -12.76
CA VAL A 261 -7.08 -20.19 -13.55
C VAL A 261 -5.91 -20.71 -12.72
N ARG A 262 -5.70 -20.15 -11.52
CA ARG A 262 -4.67 -20.66 -10.64
C ARG A 262 -4.97 -22.11 -10.19
N LEU A 263 -6.17 -22.32 -9.61
CA LEU A 263 -6.52 -23.63 -9.04
C LEU A 263 -6.51 -24.73 -10.12
N ARG A 264 -6.89 -24.42 -11.36
CA ARG A 264 -6.72 -25.45 -12.45
C ARG A 264 -5.26 -25.86 -12.70
N GLN A 265 -4.31 -24.91 -12.63
CA GLN A 265 -2.92 -25.20 -12.79
C GLN A 265 -2.39 -25.96 -11.58
N HIS A 266 -2.68 -25.48 -10.37
CA HIS A 266 -2.31 -26.20 -9.14
C HIS A 266 -2.77 -27.70 -9.16
N HIS A 267 -4.00 -27.95 -9.59
CA HIS A 267 -4.61 -29.30 -9.73
C HIS A 267 -3.78 -30.05 -10.76
N GLU A 268 -3.66 -29.51 -11.97
CA GLU A 268 -2.99 -30.24 -13.04
C GLU A 268 -1.55 -30.59 -12.68
N SER A 269 -0.80 -29.61 -12.20
CA SER A 269 0.60 -29.85 -11.81
C SER A 269 0.75 -30.76 -10.65
N SER A 270 0.00 -30.51 -9.58
CA SER A 270 0.19 -31.26 -8.35
C SER A 270 -0.18 -32.72 -8.53
N LEU A 271 -1.20 -32.99 -9.34
CA LEU A 271 -1.56 -34.39 -9.57
C LEU A 271 -0.48 -35.08 -10.42
N LYS A 272 0.10 -34.39 -11.41
CA LYS A 272 1.13 -35.03 -12.20
C LYS A 272 2.35 -35.32 -11.26
N VAL A 273 2.69 -34.42 -10.33
CA VAL A 273 3.78 -34.66 -9.39
C VAL A 273 3.43 -35.82 -8.48
N ALA A 274 2.19 -35.92 -8.01
CA ALA A 274 1.76 -36.98 -7.11
C ALA A 274 1.89 -38.33 -7.83
N GLU A 275 1.50 -38.35 -9.08
CA GLU A 275 1.53 -39.60 -9.88
C GLU A 275 2.99 -40.09 -10.05
N TRP A 276 3.91 -39.17 -10.35
CA TRP A 276 5.34 -39.42 -10.56
C TRP A 276 5.96 -39.91 -9.23
N LEU A 277 5.70 -39.19 -8.13
CA LEU A 277 6.13 -39.62 -6.80
C LEU A 277 5.66 -41.04 -6.40
N ALA A 278 4.43 -41.39 -6.78
CA ALA A 278 3.81 -42.66 -6.38
C ALA A 278 4.57 -43.86 -6.96
N GLU A 279 5.23 -43.60 -8.09
CA GLU A 279 6.00 -44.60 -8.85
C GLU A 279 7.48 -44.50 -8.58
N HIS A 280 7.89 -43.64 -7.66
CA HIS A 280 9.32 -43.44 -7.41
C HIS A 280 9.85 -44.44 -6.36
N PRO A 281 11.01 -45.12 -6.62
CA PRO A 281 11.64 -46.07 -5.70
C PRO A 281 11.85 -45.62 -4.26
N GLN A 282 11.98 -44.32 -4.05
CA GLN A 282 12.30 -43.75 -2.76
C GLN A 282 11.10 -43.28 -1.96
N VAL A 283 9.89 -43.46 -2.50
CA VAL A 283 8.67 -42.95 -1.85
C VAL A 283 7.84 -44.14 -1.33
N ALA A 284 7.42 -44.06 -0.07
CA ALA A 284 6.58 -45.09 0.53
C ALA A 284 5.09 -44.92 0.20
N ARG A 285 4.63 -43.67 0.29
CA ARG A 285 3.22 -43.36 0.12
CA ARG A 285 3.22 -43.35 0.14
C ARG A 285 3.06 -41.93 -0.34
N VAL A 286 1.99 -41.67 -1.09
CA VAL A 286 1.64 -40.30 -1.47
C VAL A 286 0.25 -40.00 -0.92
N ASN A 287 0.13 -38.85 -0.25
CA ASN A 287 -1.13 -38.35 0.27
C ASN A 287 -1.62 -37.15 -0.57
N HIS A 288 -2.44 -37.38 -1.59
CA HIS A 288 -3.02 -36.32 -2.35
C HIS A 288 -4.49 -36.73 -2.57
N PRO A 289 -5.46 -35.87 -2.15
CA PRO A 289 -6.85 -36.26 -2.23
C PRO A 289 -7.30 -36.70 -3.64
N ALA A 290 -6.69 -36.11 -4.67
CA ALA A 290 -7.04 -36.41 -6.07
C ALA A 290 -6.40 -37.69 -6.61
N LEU A 291 -5.45 -38.24 -5.87
CA LEU A 291 -4.76 -39.46 -6.26
C LEU A 291 -5.55 -40.71 -5.77
N PRO A 292 -6.02 -41.53 -6.71
CA PRO A 292 -6.56 -42.82 -6.25
C PRO A 292 -5.71 -43.56 -5.15
N GLY A 293 -6.39 -44.09 -4.12
CA GLY A 293 -5.74 -44.79 -3.03
C GLY A 293 -5.38 -43.95 -1.81
N SER A 294 -5.41 -42.63 -1.96
CA SER A 294 -5.19 -41.74 -0.83
C SER A 294 -6.40 -41.83 0.12
N LYS A 295 -6.15 -41.52 1.41
CA LYS A 295 -7.13 -41.67 2.45
C LYS A 295 -8.28 -40.71 2.18
N GLY A 296 -9.44 -41.28 1.99
CA GLY A 296 -10.66 -40.57 1.61
C GLY A 296 -10.73 -40.03 0.18
N HIS A 297 -9.89 -40.55 -0.70
CA HIS A 297 -9.94 -40.13 -2.08
C HIS A 297 -11.35 -40.30 -2.63
N GLU A 298 -12.05 -41.36 -2.25
CA GLU A 298 -13.39 -41.56 -2.77
C GLU A 298 -14.36 -40.44 -2.44
N PHE A 299 -14.20 -39.85 -1.26
CA PHE A 299 -14.96 -38.73 -0.81
C PHE A 299 -14.62 -37.47 -1.53
N TRP A 300 -13.33 -37.27 -1.82
CA TRP A 300 -12.85 -36.21 -2.71
C TRP A 300 -13.55 -36.31 -4.09
N LYS A 301 -13.54 -37.50 -4.69
CA LYS A 301 -14.05 -37.67 -6.01
C LYS A 301 -15.56 -37.40 -6.03
N ARG A 302 -16.26 -37.78 -4.97
CA ARG A 302 -17.73 -37.62 -4.91
C ARG A 302 -18.21 -36.23 -4.57
N ASP A 303 -17.47 -35.58 -3.69
CA ASP A 303 -17.94 -34.33 -3.05
C ASP A 303 -17.22 -33.07 -3.50
N PHE A 304 -16.03 -33.16 -4.11
CA PHE A 304 -15.34 -31.95 -4.51
C PHE A 304 -15.46 -31.79 -6.04
N THR A 305 -15.30 -30.55 -6.49
CA THR A 305 -15.26 -30.23 -7.91
C THR A 305 -13.86 -29.91 -8.45
N GLY A 306 -12.84 -30.16 -7.67
CA GLY A 306 -11.48 -29.95 -8.14
C GLY A 306 -10.52 -30.18 -6.99
N SER A 307 -9.25 -29.97 -7.29
CA SER A 307 -8.20 -30.02 -6.31
C SER A 307 -7.43 -28.70 -6.30
N SER A 308 -6.74 -28.42 -5.18
CA SER A 308 -5.75 -27.36 -5.15
C SER A 308 -4.39 -28.06 -5.29
N GLY A 309 -3.31 -27.41 -4.87
CA GLY A 309 -1.93 -27.91 -5.12
C GLY A 309 -1.08 -28.34 -3.89
N LEU A 310 -1.70 -28.46 -2.72
CA LEU A 310 -1.01 -28.79 -1.47
C LEU A 310 -1.20 -30.28 -1.21
N PHE A 311 -0.11 -31.03 -0.98
CA PHE A 311 -0.22 -32.43 -0.64
C PHE A 311 1.02 -32.87 0.06
N SER A 312 1.12 -34.14 0.42
CA SER A 312 2.35 -34.62 1.06
C SER A 312 2.69 -36.03 0.56
N PHE A 313 3.92 -36.48 0.91
CA PHE A 313 4.25 -37.84 0.61
C PHE A 313 5.24 -38.25 1.71
N VAL A 314 5.41 -39.57 1.83
CA VAL A 314 6.27 -40.13 2.87
C VAL A 314 7.45 -40.87 2.21
N LEU A 315 8.64 -40.51 2.60
CA LEU A 315 9.86 -41.14 2.11
C LEU A 315 9.97 -42.54 2.72
N LYS A 316 10.66 -43.41 2.01
CA LYS A 316 10.88 -44.73 2.54
C LYS A 316 11.73 -44.67 3.77
N LYS A 317 12.61 -43.69 3.80
CA LYS A 317 13.60 -43.49 4.87
C LYS A 317 13.12 -42.46 5.87
N LYS A 318 13.48 -42.68 7.12
CA LYS A 318 13.41 -41.62 8.11
C LYS A 318 14.78 -40.94 8.11
N LEU A 319 14.83 -39.74 7.55
CA LEU A 319 16.07 -39.05 7.38
C LEU A 319 16.64 -38.58 8.70
N ASN A 320 17.97 -38.73 8.85
CA ASN A 320 18.65 -38.20 10.00
C ASN A 320 18.91 -36.74 9.71
N ASN A 321 19.51 -36.02 10.67
CA ASN A 321 19.65 -34.56 10.57
C ASN A 321 20.54 -34.16 9.40
N GLU A 322 21.61 -34.93 9.17
CA GLU A 322 22.56 -34.72 8.08
C GLU A 322 21.85 -34.81 6.72
N GLU A 323 21.11 -35.91 6.58
CA GLU A 323 20.32 -36.19 5.38
C GLU A 323 19.21 -35.13 5.20
N LEU A 324 18.53 -34.75 6.26
CA LEU A 324 17.49 -33.69 6.17
C LEU A 324 18.02 -32.40 5.56
N ALA A 325 19.20 -31.96 6.06
CA ALA A 325 19.85 -30.76 5.54
C ALA A 325 20.35 -30.91 4.10
N ASN A 326 20.95 -32.04 3.77
CA ASN A 326 21.36 -32.27 2.39
C ASN A 326 20.20 -32.24 1.43
N TYR A 327 19.10 -32.85 1.82
CA TYR A 327 17.88 -32.81 1.04
C TYR A 327 17.33 -31.39 0.91
N LEU A 328 16.93 -30.81 2.02
CA LEU A 328 16.14 -29.56 1.97
C LEU A 328 16.99 -28.35 1.65
N ASP A 329 18.28 -28.35 1.98
CA ASP A 329 19.07 -27.14 1.79
C ASP A 329 19.45 -26.83 0.35
N ASN A 330 19.42 -27.83 -0.51
CA ASN A 330 19.94 -27.73 -1.86
C ASN A 330 18.89 -27.76 -3.00
N PHE A 331 17.63 -27.49 -2.67
CA PHE A 331 16.64 -27.26 -3.73
C PHE A 331 16.88 -25.96 -4.51
N SER A 332 16.56 -26.03 -5.81
CA SER A 332 16.75 -24.93 -6.72
C SER A 332 15.50 -24.08 -6.90
N LEU A 333 14.35 -24.74 -6.82
CA LEU A 333 13.06 -24.14 -7.16
C LEU A 333 12.08 -24.17 -5.98
N PHE A 334 12.01 -25.27 -5.24
CA PHE A 334 11.24 -25.35 -4.00
C PHE A 334 11.89 -24.52 -2.93
N SER A 335 11.11 -23.87 -2.10
CA SER A 335 11.65 -23.01 -0.98
C SER A 335 11.04 -23.56 0.28
N MET A 336 11.75 -23.43 1.38
CA MET A 336 11.18 -23.75 2.69
C MET A 336 10.55 -22.52 3.32
N ALA A 337 9.27 -22.63 3.67
CA ALA A 337 8.54 -21.58 4.32
C ALA A 337 7.26 -22.18 4.82
N TYR A 338 6.60 -21.52 5.79
CA TYR A 338 5.28 -21.88 6.17
C TYR A 338 4.28 -21.17 5.25
N SER A 339 3.05 -21.56 5.45
CA SER A 339 1.87 -21.16 4.58
C SER A 339 2.03 -21.91 3.23
N TRP A 340 1.17 -21.50 2.30
CA TRP A 340 0.95 -22.15 1.00
C TRP A 340 -0.21 -21.44 0.28
N GLY A 341 -0.57 -21.89 -0.92
CA GLY A 341 -1.64 -21.30 -1.71
C GLY A 341 -1.21 -20.15 -2.54
N GLY A 342 0.10 -19.92 -2.60
CA GLY A 342 0.75 -18.91 -3.43
C GLY A 342 1.12 -19.41 -4.81
N TYR A 343 1.94 -18.64 -5.51
CA TYR A 343 2.27 -18.90 -6.87
C TYR A 343 3.55 -19.70 -6.95
N GLU A 344 4.24 -19.77 -5.84
CA GLU A 344 5.59 -20.43 -5.80
C GLU A 344 5.49 -21.71 -5.00
N SER A 345 6.36 -22.66 -5.32
CA SER A 345 6.27 -23.99 -4.75
C SER A 345 7.13 -24.08 -3.47
N LEU A 346 6.64 -24.80 -2.49
CA LEU A 346 7.25 -24.83 -1.16
C LEU A 346 7.42 -26.28 -0.71
N ILE A 347 8.34 -26.48 0.23
CA ILE A 347 8.64 -27.79 0.77
C ILE A 347 8.92 -27.67 2.26
N LEU A 348 8.36 -28.58 3.02
CA LEU A 348 8.64 -28.73 4.48
C LEU A 348 8.76 -30.19 4.79
N ALA A 349 9.63 -30.51 5.73
CA ALA A 349 9.69 -31.86 6.25
C ALA A 349 9.03 -31.93 7.62
N ASN A 350 8.45 -33.09 7.92
CA ASN A 350 7.84 -33.38 9.22
C ASN A 350 8.20 -34.81 9.63
N GLN A 351 8.97 -34.98 10.68
CA GLN A 351 9.28 -36.33 11.12
C GLN A 351 8.06 -36.99 11.76
N PRO A 352 7.99 -38.33 11.73
CA PRO A 352 6.86 -39.05 12.27
C PRO A 352 6.55 -38.68 13.73
N GLU A 353 7.58 -38.42 14.54
CA GLU A 353 7.32 -38.13 15.98
C GLU A 353 6.72 -36.74 16.10
N HIS A 354 7.02 -35.85 15.16
CA HIS A 354 6.43 -34.49 15.17
C HIS A 354 4.93 -34.57 14.91
N ILE A 355 4.57 -35.40 13.94
CA ILE A 355 3.14 -35.52 13.56
C ILE A 355 2.38 -36.25 14.67
N ALA A 356 3.00 -37.27 15.25
CA ALA A 356 2.38 -37.99 16.36
C ALA A 356 2.04 -37.08 17.52
N ALA A 357 2.85 -36.05 17.72
CA ALA A 357 2.60 -35.02 18.75
C ALA A 357 1.36 -34.21 18.50
N ILE A 358 0.85 -34.14 17.25
CA ILE A 358 -0.31 -33.28 16.94
C ILE A 358 -1.47 -34.08 16.33
N ARG A 359 -1.56 -35.36 16.74
CA ARG A 359 -2.73 -36.16 16.39
C ARG A 359 -3.35 -36.70 17.69
N PRO A 360 -4.00 -35.82 18.46
CA PRO A 360 -4.49 -36.27 19.77
C PRO A 360 -5.56 -37.34 19.64
N GLN A 361 -5.47 -38.35 20.52
CA GLN A 361 -6.42 -39.44 20.60
C GLN A 361 -6.43 -40.27 19.34
N GLY A 362 -5.39 -40.11 18.52
CA GLY A 362 -5.09 -40.89 17.35
C GLY A 362 -3.69 -41.48 17.31
N GLU A 363 -3.41 -42.13 16.19
CA GLU A 363 -2.20 -42.94 16.06
C GLU A 363 -1.63 -42.65 14.64
N ILE A 364 -0.30 -42.56 14.54
CA ILE A 364 0.33 -42.36 13.24
C ILE A 364 0.41 -43.71 12.53
N ASP A 365 0.42 -43.72 11.21
CA ASP A 365 0.65 -45.01 10.50
C ASP A 365 1.77 -44.97 9.47
N PHE A 366 2.76 -44.12 9.67
CA PHE A 366 3.90 -44.15 8.78
C PHE A 366 5.15 -44.07 9.60
N SER A 367 6.26 -44.43 8.98
CA SER A 367 7.52 -44.36 9.72
C SER A 367 8.64 -43.57 9.06
N GLY A 368 8.48 -43.19 7.80
CA GLY A 368 9.51 -42.39 7.14
C GLY A 368 9.26 -40.90 7.33
N THR A 369 10.19 -40.09 6.87
CA THR A 369 10.05 -38.65 6.95
C THR A 369 8.90 -38.22 6.01
N LEU A 370 8.01 -37.36 6.48
CA LEU A 370 6.89 -36.87 5.67
C LEU A 370 7.30 -35.54 5.07
N ILE A 371 7.17 -35.40 3.74
CA ILE A 371 7.40 -34.16 3.02
C ILE A 371 6.07 -33.52 2.55
N ARG A 372 5.79 -32.27 2.92
CA ARG A 372 4.60 -31.58 2.41
C ARG A 372 5.08 -30.62 1.32
N LEU A 373 4.41 -30.71 0.17
CA LEU A 373 4.75 -29.89 -0.96
C LEU A 373 3.59 -28.94 -1.28
N HIS A 374 3.90 -27.67 -1.57
CA HIS A 374 2.93 -26.84 -2.19
C HIS A 374 3.41 -26.68 -3.59
N ILE A 375 2.58 -27.09 -4.55
CA ILE A 375 2.90 -27.03 -5.98
C ILE A 375 2.32 -25.75 -6.57
N GLY A 376 3.23 -24.86 -6.93
CA GLY A 376 2.87 -23.52 -7.40
C GLY A 376 2.75 -23.48 -8.90
N LEU A 377 3.04 -22.33 -9.51
CA LEU A 377 2.75 -22.09 -10.94
C LEU A 377 3.94 -22.27 -11.88
N GLU A 378 5.05 -22.76 -11.34
CA GLU A 378 6.26 -22.97 -12.13
C GLU A 378 6.01 -24.14 -13.10
N ASP A 379 6.82 -24.24 -14.15
CA ASP A 379 6.73 -25.41 -15.03
C ASP A 379 6.83 -26.73 -14.23
N VAL A 380 5.84 -27.61 -14.38
CA VAL A 380 5.78 -28.84 -13.56
C VAL A 380 7.02 -29.74 -13.79
N ASP A 381 7.52 -29.77 -15.04
CA ASP A 381 8.66 -30.67 -15.32
C ASP A 381 9.93 -30.09 -14.65
N ASP A 382 10.04 -28.76 -14.55
CA ASP A 382 11.14 -28.17 -13.79
C ASP A 382 11.06 -28.60 -12.28
N LEU A 383 9.85 -28.57 -11.72
CA LEU A 383 9.61 -28.96 -10.30
C LEU A 383 9.99 -30.45 -10.11
N ILE A 384 9.51 -31.29 -11.04
CA ILE A 384 9.81 -32.74 -10.98
C ILE A 384 11.35 -32.96 -11.04
N ALA A 385 12.02 -32.22 -11.92
CA ALA A 385 13.45 -32.27 -12.01
C ALA A 385 14.09 -31.90 -10.70
N ASP A 386 13.54 -30.89 -10.01
CA ASP A 386 14.09 -30.43 -8.73
C ASP A 386 13.88 -31.58 -7.70
N LEU A 387 12.71 -32.18 -7.64
CA LEU A 387 12.44 -33.29 -6.71
C LEU A 387 13.34 -34.49 -6.98
N ASP A 388 13.54 -34.83 -8.27
CA ASP A 388 14.48 -35.94 -8.56
C ASP A 388 15.95 -35.71 -8.15
N ALA A 389 16.49 -34.51 -8.30
CA ALA A 389 17.80 -34.16 -7.82
C ALA A 389 17.83 -34.25 -6.31
N GLY A 390 16.71 -33.88 -5.69
CA GLY A 390 16.48 -34.14 -4.28
C GLY A 390 16.61 -35.57 -3.86
N PHE A 391 15.92 -36.46 -4.55
CA PHE A 391 16.06 -37.88 -4.25
C PHE A 391 17.50 -38.41 -4.37
N ALA A 392 18.21 -37.93 -5.37
CA ALA A 392 19.59 -38.35 -5.58
C ALA A 392 20.50 -37.90 -4.45
N ARG A 393 20.13 -36.84 -3.72
CA ARG A 393 20.94 -36.42 -2.58
C ARG A 393 20.75 -37.35 -1.34
N ILE A 394 19.69 -38.14 -1.31
CA ILE A 394 19.41 -38.94 -0.12
C ILE A 394 19.31 -40.44 -0.42
N VAL A 395 19.74 -40.89 -1.60
CA VAL A 395 19.56 -42.32 -1.95
C VAL A 395 20.51 -43.16 -1.10
N LYS B 4 -11.43 31.03 5.04
CA LYS B 4 -10.21 31.41 4.27
C LYS B 4 -8.97 31.33 5.15
N LYS B 5 -9.08 30.88 6.41
CA LYS B 5 -7.88 30.69 7.24
C LYS B 5 -7.15 29.42 6.80
N LEU B 6 -5.84 29.52 6.60
CA LEU B 6 -5.07 28.42 6.01
C LEU B 6 -5.34 27.09 6.70
N ASP B 7 -5.34 27.11 8.03
CA ASP B 7 -5.48 25.84 8.74
C ASP B 7 -6.78 25.11 8.47
N THR B 8 -7.88 25.86 8.39
CA THR B 8 -9.21 25.29 8.11
C THR B 8 -9.27 24.84 6.65
N GLN B 9 -8.63 25.61 5.79
CA GLN B 9 -8.60 25.25 4.37
C GLN B 9 -7.84 23.95 4.16
N LEU B 10 -6.68 23.82 4.82
CA LEU B 10 -5.87 22.63 4.69
C LEU B 10 -6.67 21.39 5.12
N VAL B 11 -7.44 21.53 6.17
CA VAL B 11 -8.18 20.39 6.70
C VAL B 11 -9.29 20.00 5.70
N ASN B 12 -9.93 20.99 5.06
CA ASN B 12 -11.07 20.67 4.23
C ASN B 12 -10.85 20.54 2.72
N ALA B 13 -9.69 20.95 2.22
CA ALA B 13 -9.47 21.12 0.81
C ALA B 13 -9.62 19.83 0.06
N GLY B 14 -10.46 19.83 -0.95
CA GLY B 14 -10.74 18.61 -1.71
C GLY B 14 -11.73 17.59 -1.16
N ARG B 15 -12.15 17.73 0.10
CA ARG B 15 -12.97 16.72 0.73
C ARG B 15 -14.44 17.02 0.49
N SER B 16 -14.80 17.13 -0.77
CA SER B 16 -16.19 17.10 -1.23
C SER B 16 -16.77 15.70 -1.02
N LYS B 17 -18.04 15.65 -0.68
CA LYS B 17 -18.79 14.38 -0.54
C LYS B 17 -18.67 13.40 -1.70
N LYS B 18 -18.63 13.92 -2.93
CA LYS B 18 -18.50 13.09 -4.10
C LYS B 18 -17.17 12.32 -4.18
N TYR B 19 -16.19 12.77 -3.41
CA TYR B 19 -14.86 12.09 -3.38
C TYR B 19 -14.62 11.29 -2.10
N THR B 20 -15.28 11.68 -1.01
CA THR B 20 -15.13 11.01 0.30
C THR B 20 -16.12 9.83 0.51
N LEU B 21 -17.32 10.00 -0.04
CA LEU B 21 -18.31 8.93 -0.12
C LEU B 21 -18.58 8.28 1.28
N GLY B 22 -18.55 9.12 2.30
CA GLY B 22 -18.97 8.68 3.61
C GLY B 22 -17.82 8.69 4.58
N ALA B 23 -16.61 8.69 4.05
CA ALA B 23 -15.42 8.70 4.92
C ALA B 23 -14.95 10.13 5.10
N VAL B 24 -13.91 10.30 5.88
CA VAL B 24 -13.32 11.61 6.09
C VAL B 24 -12.37 11.93 4.95
N ASN B 25 -11.49 10.99 4.61
CA ASN B 25 -10.60 11.18 3.46
C ASN B 25 -11.20 10.78 2.14
N SER B 26 -10.65 11.25 1.01
CA SER B 26 -11.08 10.75 -0.27
C SER B 26 -10.95 9.25 -0.42
N VAL B 27 -11.85 8.65 -1.21
CA VAL B 27 -11.64 7.25 -1.49
C VAL B 27 -10.32 7.09 -2.32
N ILE B 28 -9.79 5.88 -2.31
CA ILE B 28 -8.76 5.43 -3.20
C ILE B 28 -9.36 4.60 -4.31
N GLN B 29 -9.45 5.21 -5.50
CA GLN B 29 -9.99 4.53 -6.65
C GLN B 29 -8.86 4.21 -7.58
N ARG B 30 -8.42 2.95 -7.55
CA ARG B 30 -7.37 2.46 -8.44
C ARG B 30 -8.03 2.06 -9.74
N ALA B 31 -7.55 2.55 -10.87
CA ALA B 31 -8.12 2.14 -12.10
C ALA B 31 -7.33 2.60 -13.26
N SER B 32 -7.26 1.73 -14.26
CA SER B 32 -7.04 2.15 -15.65
C SER B 32 -8.41 2.26 -16.35
N SER B 33 -9.00 1.11 -16.77
CA SER B 33 -10.39 1.07 -17.25
C SER B 33 -11.34 1.81 -16.32
N LEU B 34 -12.19 2.65 -16.91
CA LEU B 34 -13.36 3.21 -16.22
C LEU B 34 -14.59 2.93 -17.07
N VAL B 35 -15.62 2.35 -16.46
CA VAL B 35 -16.70 1.69 -17.20
C VAL B 35 -17.79 2.69 -17.57
N PHE B 36 -18.30 2.57 -18.80
CA PHE B 36 -19.41 3.39 -19.22
C PHE B 36 -20.61 2.49 -19.29
N ASP B 37 -21.71 2.89 -18.67
CA ASP B 37 -22.90 2.04 -18.63
C ASP B 37 -23.70 2.05 -19.91
N SER B 38 -23.47 3.05 -20.75
CA SER B 38 -24.17 3.17 -22.01
C SER B 38 -23.35 3.99 -22.97
N VAL B 39 -23.67 3.92 -24.25
CA VAL B 39 -23.19 4.84 -25.25
C VAL B 39 -23.41 6.31 -24.88
N GLU B 40 -24.58 6.65 -24.37
CA GLU B 40 -24.83 8.02 -23.90
C GLU B 40 -23.83 8.39 -22.79
N ALA B 41 -23.63 7.52 -21.82
CA ALA B 41 -22.68 7.81 -20.73
C ALA B 41 -21.25 8.00 -21.25
N LYS B 42 -20.83 7.11 -22.13
CA LYS B 42 -19.50 7.16 -22.81
C LYS B 42 -19.30 8.52 -23.51
N LYS B 43 -20.37 9.03 -24.12
CA LYS B 43 -20.30 10.23 -24.93
C LYS B 43 -20.15 11.46 -24.03
N HIS B 44 -20.89 11.46 -22.93
CA HIS B 44 -20.81 12.45 -21.89
C HIS B 44 -19.43 12.43 -21.19
N ALA B 45 -18.91 11.23 -20.91
CA ALA B 45 -17.59 11.11 -20.27
C ALA B 45 -16.50 11.61 -21.20
N THR B 46 -16.67 11.35 -22.49
CA THR B 46 -15.70 11.80 -23.50
C THR B 46 -15.64 13.31 -23.54
N ARG B 47 -16.80 13.97 -23.64
CA ARG B 47 -16.86 15.42 -23.63
CA ARG B 47 -16.87 15.42 -23.62
C ARG B 47 -16.19 16.00 -22.40
N ASN B 48 -16.39 15.37 -21.25
CA ASN B 48 -15.94 15.89 -19.96
C ASN B 48 -14.66 15.21 -19.43
N ARG B 49 -13.88 14.66 -20.34
CA ARG B 49 -12.71 13.85 -19.94
C ARG B 49 -11.61 14.67 -19.26
N ALA B 50 -11.62 16.00 -19.46
CA ALA B 50 -10.69 16.94 -18.84
C ALA B 50 -11.42 17.84 -17.83
N ASN B 51 -12.62 17.44 -17.47
CA ASN B 51 -13.51 18.23 -16.64
C ASN B 51 -14.02 17.41 -15.46
N GLY B 52 -13.23 16.43 -14.99
CA GLY B 52 -13.61 15.76 -13.76
C GLY B 52 -14.71 14.72 -13.88
N GLU B 53 -14.96 14.22 -15.09
CA GLU B 53 -15.81 13.05 -15.21
C GLU B 53 -14.91 11.83 -15.43
N LEU B 54 -15.26 10.70 -14.84
CA LEU B 54 -14.49 9.48 -15.07
C LEU B 54 -14.49 9.05 -16.54
N PHE B 55 -13.30 8.90 -17.12
CA PHE B 55 -13.14 8.59 -18.55
C PHE B 55 -12.11 7.50 -18.74
N TYR B 56 -10.90 7.75 -18.23
CA TYR B 56 -9.85 6.75 -18.38
C TYR B 56 -8.79 7.09 -17.31
N GLY B 57 -8.27 6.07 -16.67
CA GLY B 57 -7.34 6.30 -15.57
C GLY B 57 -6.16 7.21 -15.84
N ARG B 58 -5.70 7.34 -17.09
CA ARG B 58 -4.57 8.23 -17.41
C ARG B 58 -4.98 9.69 -17.18
N ARG B 59 -6.26 9.96 -17.33
CA ARG B 59 -6.81 11.26 -17.00
C ARG B 59 -7.15 11.47 -15.50
N GLY B 60 -7.16 10.41 -14.74
CA GLY B 60 -7.50 10.44 -13.30
C GLY B 60 -8.76 9.68 -12.90
N THR B 61 -8.83 9.39 -11.60
CA THR B 61 -9.98 8.80 -10.95
C THR B 61 -10.47 9.84 -9.95
N LEU B 62 -11.45 9.46 -9.13
CA LEU B 62 -12.00 10.33 -8.13
C LEU B 62 -10.87 10.80 -7.18
N THR B 63 -9.91 9.94 -6.89
CA THR B 63 -8.84 10.29 -6.01
C THR B 63 -7.96 11.43 -6.55
N HIS B 64 -7.65 11.37 -7.82
CA HIS B 64 -6.91 12.48 -8.43
C HIS B 64 -7.70 13.76 -8.46
N PHE B 65 -8.99 13.66 -8.82
CA PHE B 65 -9.87 14.83 -8.86
C PHE B 65 -9.95 15.56 -7.54
N SER B 66 -9.99 14.80 -6.43
CA SER B 66 -9.93 15.34 -5.10
C SER B 66 -8.65 16.16 -4.82
N LEU B 67 -7.50 15.59 -5.11
CA LEU B 67 -6.23 16.29 -4.91
C LEU B 67 -6.20 17.56 -5.78
N GLN B 68 -6.66 17.42 -7.01
CA GLN B 68 -6.60 18.54 -7.94
C GLN B 68 -7.41 19.69 -7.42
N GLN B 69 -8.59 19.37 -6.91
CA GLN B 69 -9.50 20.41 -6.37
C GLN B 69 -8.80 21.07 -5.15
N ALA B 70 -8.15 20.27 -4.31
CA ALA B 70 -7.50 20.76 -3.12
C ALA B 70 -6.37 21.70 -3.48
N MET B 71 -5.54 21.28 -4.43
CA MET B 71 -4.44 22.13 -4.90
C MET B 71 -4.94 23.44 -5.56
N CYS B 72 -6.02 23.35 -6.35
CA CYS B 72 -6.57 24.60 -6.95
C CYS B 72 -7.05 25.57 -5.90
N GLU B 73 -7.68 25.04 -4.87
CA GLU B 73 -8.20 25.81 -3.75
C GLU B 73 -7.06 26.49 -3.00
N LEU B 74 -6.06 25.71 -2.69
CA LEU B 74 -4.97 26.18 -1.83
C LEU B 74 -4.07 27.21 -2.50
N GLU B 75 -3.75 26.99 -3.78
CA GLU B 75 -2.93 27.93 -4.54
C GLU B 75 -3.74 28.90 -5.45
N GLY B 76 -5.07 28.81 -5.46
CA GLY B 76 -5.88 29.76 -6.21
C GLY B 76 -5.80 29.66 -7.73
N GLY B 77 -5.81 28.43 -8.21
CA GLY B 77 -5.59 28.16 -9.59
C GLY B 77 -6.89 27.73 -10.25
N ALA B 78 -6.85 27.69 -11.57
CA ALA B 78 -7.93 27.18 -12.36
C ALA B 78 -7.80 25.67 -12.59
N GLY B 79 -6.58 25.15 -12.52
CA GLY B 79 -6.39 23.72 -12.54
C GLY B 79 -5.03 23.28 -12.04
N CYS B 80 -4.94 21.98 -11.80
CA CYS B 80 -3.72 21.39 -11.21
C CYS B 80 -3.36 20.20 -12.06
N VAL B 81 -2.14 20.19 -12.58
CA VAL B 81 -1.68 19.14 -13.40
C VAL B 81 -0.76 18.30 -12.53
N LEU B 82 -0.86 16.98 -12.66
CA LEU B 82 -0.11 16.07 -11.82
C LEU B 82 0.98 15.32 -12.59
N PHE B 83 2.09 15.01 -11.88
CA PHE B 83 3.27 14.38 -12.47
C PHE B 83 3.91 13.39 -11.46
N PRO B 84 4.78 12.48 -11.96
CA PRO B 84 5.29 11.42 -11.09
C PRO B 84 6.36 11.90 -10.08
N CYS B 85 6.95 13.07 -10.28
CA CYS B 85 7.81 13.69 -9.30
C CYS B 85 7.97 15.14 -9.69
N GLY B 86 8.72 15.86 -8.87
CA GLY B 86 8.87 17.30 -9.05
C GLY B 86 9.64 17.58 -10.31
N ALA B 87 10.71 16.84 -10.54
CA ALA B 87 11.49 17.02 -11.77
C ALA B 87 10.61 16.82 -13.05
N ALA B 88 9.67 15.86 -13.00
CA ALA B 88 8.86 15.67 -14.16
C ALA B 88 7.97 16.88 -14.34
N ALA B 89 7.48 17.45 -13.24
CA ALA B 89 6.60 18.65 -13.30
C ALA B 89 7.36 19.80 -13.96
N VAL B 90 8.58 20.04 -13.48
CA VAL B 90 9.37 21.08 -14.09
C VAL B 90 9.57 20.87 -15.61
N ALA B 91 10.17 19.72 -15.95
CA ALA B 91 10.54 19.40 -17.31
C ALA B 91 9.30 19.50 -18.20
N ASN B 92 8.22 18.90 -17.73
CA ASN B 92 7.08 18.81 -18.60
C ASN B 92 6.26 20.07 -18.71
N SER B 93 6.32 20.88 -17.66
CA SER B 93 5.64 22.18 -17.69
C SER B 93 6.39 23.07 -18.66
N ILE B 94 7.76 23.10 -18.60
CA ILE B 94 8.46 23.84 -19.64
C ILE B 94 8.20 23.36 -21.09
N LEU B 95 8.30 22.06 -21.33
CA LEU B 95 8.04 21.45 -22.63
C LEU B 95 6.67 21.82 -23.18
N ALA B 96 5.65 21.87 -22.32
CA ALA B 96 4.24 22.09 -22.71
C ALA B 96 4.08 23.42 -23.40
N PHE B 97 4.98 24.38 -23.12
CA PHE B 97 4.86 25.73 -23.68
C PHE B 97 5.88 26.15 -24.70
N ILE B 98 6.87 25.31 -24.99
CA ILE B 98 7.94 25.71 -25.95
C ILE B 98 7.80 25.07 -27.32
N GLU B 99 8.54 25.64 -28.28
CA GLU B 99 8.64 25.05 -29.60
C GLU B 99 10.00 25.49 -30.14
N GLN B 100 10.46 24.84 -31.20
CA GLN B 100 11.78 25.14 -31.78
C GLN B 100 11.82 26.64 -32.05
N GLY B 101 12.95 27.25 -31.73
CA GLY B 101 13.10 28.69 -31.93
C GLY B 101 12.87 29.56 -30.73
N ASP B 102 12.29 29.02 -29.63
CA ASP B 102 12.06 29.75 -28.39
C ASP B 102 13.29 29.88 -27.49
N HIS B 103 13.23 30.82 -26.58
CA HIS B 103 14.26 30.98 -25.52
C HIS B 103 13.59 30.92 -24.16
N VAL B 104 14.35 30.34 -23.22
CA VAL B 104 13.92 30.17 -21.88
C VAL B 104 14.92 30.94 -21.06
N LEU B 105 14.40 31.77 -20.16
CA LEU B 105 15.16 32.59 -19.23
C LEU B 105 14.93 32.05 -17.81
N MET B 106 15.97 31.51 -17.18
CA MET B 106 15.83 30.78 -15.87
C MET B 106 16.79 31.34 -14.83
N THR B 107 16.35 31.39 -13.58
CA THR B 107 17.20 31.88 -12.50
C THR B 107 18.40 30.95 -12.40
N ASN B 108 19.58 31.50 -12.16
CA ASN B 108 20.74 30.59 -12.10
C ASN B 108 20.78 29.82 -10.76
N THR B 109 19.84 30.12 -9.86
CA THR B 109 19.60 29.40 -8.61
C THR B 109 18.64 28.26 -8.69
N ALA B 110 18.20 27.95 -9.90
CA ALA B 110 17.22 26.88 -10.14
C ALA B 110 17.79 25.57 -9.74
N TYR B 111 16.92 24.73 -9.20
CA TYR B 111 17.27 23.31 -8.91
C TYR B 111 18.09 22.73 -10.07
N GLU B 112 19.14 22.02 -9.75
CA GLU B 112 20.10 21.59 -10.74
C GLU B 112 19.43 20.76 -11.84
N SER B 113 18.48 19.86 -11.48
CA SER B 113 17.84 19.01 -12.48
C SER B 113 17.00 19.83 -13.47
N SER B 114 16.59 21.01 -13.05
CA SER B 114 15.79 21.89 -13.90
C SER B 114 16.77 22.51 -14.87
N GLN B 115 17.93 22.93 -14.37
CA GLN B 115 18.96 23.48 -15.27
C GLN B 115 19.36 22.44 -16.31
N ASP B 116 19.62 21.19 -15.85
CA ASP B 116 20.07 20.10 -16.73
C ASP B 116 19.05 19.73 -17.81
N PHE B 117 17.78 19.72 -17.47
CA PHE B 117 16.72 19.57 -18.48
C PHE B 117 16.88 20.62 -19.64
N CYS B 118 17.02 21.88 -19.28
CA CYS B 118 17.18 22.97 -20.26
C CYS B 118 18.45 22.76 -21.09
N SER B 119 19.57 22.47 -20.42
CA SER B 119 20.84 22.48 -21.11
C SER B 119 21.06 21.21 -21.92
N LYS B 120 20.52 20.07 -21.46
CA LYS B 120 20.71 18.78 -22.12
C LYS B 120 19.54 18.32 -22.98
N ILE B 121 18.31 18.69 -22.62
CA ILE B 121 17.17 18.25 -23.45
C ILE B 121 16.76 19.35 -24.39
N LEU B 122 16.35 20.49 -23.88
CA LEU B 122 15.84 21.59 -24.67
C LEU B 122 16.78 22.07 -25.77
N SER B 123 18.09 22.03 -25.52
CA SER B 123 19.08 22.48 -26.49
C SER B 123 19.04 21.75 -27.82
N LYS B 124 18.83 20.44 -27.78
CA LYS B 124 18.81 19.70 -29.00
C LYS B 124 17.45 19.75 -29.73
N LEU B 125 16.51 20.45 -29.15
CA LEU B 125 15.16 20.63 -29.76
C LEU B 125 14.99 22.06 -30.35
N GLY B 126 16.10 22.76 -30.52
CA GLY B 126 16.07 24.13 -31.03
C GLY B 126 15.62 25.18 -30.05
N VAL B 127 15.77 24.95 -28.74
CA VAL B 127 15.32 25.88 -27.73
C VAL B 127 16.52 26.27 -26.92
N THR B 128 16.76 27.56 -26.80
CA THR B 128 17.92 28.03 -26.07
C THR B 128 17.54 28.46 -24.69
N THR B 129 18.52 28.42 -23.77
CA THR B 129 18.35 28.85 -22.39
C THR B 129 19.42 29.82 -21.95
N SER B 130 19.01 30.87 -21.27
CA SER B 130 20.01 31.70 -20.58
C SER B 130 19.53 31.92 -19.17
N TRP B 131 20.38 32.57 -18.37
CA TRP B 131 20.26 32.58 -16.92
C TRP B 131 20.44 33.94 -16.33
N PHE B 132 19.85 34.14 -15.15
CA PHE B 132 19.87 35.44 -14.53
C PHE B 132 20.15 35.29 -13.05
N ASP B 133 20.78 36.31 -12.47
CA ASP B 133 21.00 36.33 -11.03
C ASP B 133 19.70 36.55 -10.31
N PRO B 134 19.43 35.78 -9.23
CA PRO B 134 18.16 35.84 -8.57
C PRO B 134 17.83 37.20 -8.00
N LEU B 135 18.81 38.07 -7.80
CA LEU B 135 18.53 39.44 -7.25
C LEU B 135 18.51 40.53 -8.34
N ILE B 136 18.45 40.09 -9.59
CA ILE B 136 18.33 41.02 -10.75
C ILE B 136 17.10 41.94 -10.69
N GLY B 137 15.98 41.51 -10.12
CA GLY B 137 14.77 42.34 -10.05
C GLY B 137 14.33 42.95 -11.36
N ALA B 138 14.07 44.28 -11.36
CA ALA B 138 13.57 45.03 -12.52
C ALA B 138 14.51 44.97 -13.69
N ASP B 139 15.79 44.66 -13.41
CA ASP B 139 16.83 44.63 -14.44
C ASP B 139 16.76 43.34 -15.24
N ILE B 140 15.85 42.45 -14.88
CA ILE B 140 15.60 41.28 -15.73
C ILE B 140 15.37 41.66 -17.19
N VAL B 141 14.90 42.88 -17.45
CA VAL B 141 14.70 43.35 -18.84
C VAL B 141 15.94 43.19 -19.72
N LYS B 142 17.11 43.32 -19.12
CA LYS B 142 18.40 43.16 -19.80
C LYS B 142 18.59 41.79 -20.41
N HIS B 143 17.85 40.79 -19.94
CA HIS B 143 18.08 39.40 -20.38
C HIS B 143 16.99 38.90 -21.33
N LEU B 144 15.95 39.70 -21.49
CA LEU B 144 14.81 39.31 -22.33
C LEU B 144 15.19 39.46 -23.80
N GLN B 145 14.76 38.48 -24.60
CA GLN B 145 14.98 38.46 -26.03
C GLN B 145 13.61 38.50 -26.72
N PRO B 146 13.63 38.83 -28.02
CA PRO B 146 12.38 38.78 -28.76
C PRO B 146 11.73 37.44 -28.78
N ASN B 147 12.53 36.36 -28.68
CA ASN B 147 11.99 35.01 -28.67
C ASN B 147 11.81 34.39 -27.28
N THR B 148 11.92 35.16 -26.21
CA THR B 148 11.73 34.60 -24.87
C THR B 148 10.27 34.19 -24.67
N LYS B 149 10.04 32.91 -24.33
CA LYS B 149 8.68 32.34 -24.19
C LYS B 149 8.38 32.08 -22.72
N ILE B 150 9.41 31.71 -21.97
CA ILE B 150 9.30 31.36 -20.58
C ILE B 150 10.30 32.10 -19.71
N VAL B 151 9.83 32.62 -18.58
CA VAL B 151 10.70 33.14 -17.54
C VAL B 151 10.46 32.29 -16.30
N PHE B 152 11.49 31.56 -15.92
CA PHE B 152 11.40 30.55 -14.86
C PHE B 152 12.08 30.97 -13.58
N LEU B 153 11.25 31.19 -12.55
CA LEU B 153 11.68 31.63 -11.23
C LEU B 153 11.76 30.47 -10.25
N GLU B 154 12.57 30.66 -9.18
CA GLU B 154 12.66 29.76 -8.02
C GLU B 154 13.10 30.54 -6.83
N SER B 155 12.23 30.63 -5.85
CA SER B 155 12.39 31.57 -4.74
C SER B 155 11.80 30.96 -3.50
N PRO B 156 12.57 30.80 -2.45
CA PRO B 156 14.03 30.95 -2.44
C PRO B 156 14.72 29.99 -3.42
N GLY B 157 15.94 30.37 -3.81
CA GLY B 157 16.85 29.55 -4.59
C GLY B 157 17.19 28.23 -3.95
N SER B 158 17.42 27.20 -4.79
CA SER B 158 18.03 25.95 -4.38
C SER B 158 19.41 26.13 -3.73
N ILE B 159 19.61 25.46 -2.60
CA ILE B 159 20.82 25.45 -1.82
C ILE B 159 21.19 26.79 -1.14
N THR B 160 21.33 27.84 -1.94
CA THR B 160 21.82 29.16 -1.48
C THR B 160 20.74 30.10 -0.98
N MET B 161 19.49 29.74 -1.25
CA MET B 161 18.29 30.37 -0.63
C MET B 161 17.98 31.82 -0.95
N GLU B 162 18.47 32.36 -2.09
CA GLU B 162 18.23 33.75 -2.37
C GLU B 162 16.75 33.89 -2.70
N VAL B 163 16.13 34.93 -2.17
CA VAL B 163 14.69 35.26 -2.45
C VAL B 163 14.64 36.31 -3.55
N HIS B 164 13.86 36.05 -4.59
CA HIS B 164 13.59 37.00 -5.66
C HIS B 164 12.70 38.14 -5.15
N ASP B 165 12.86 39.32 -5.75
CA ASP B 165 11.84 40.35 -5.73
C ASP B 165 10.82 40.06 -6.83
N VAL B 166 9.87 39.19 -6.52
CA VAL B 166 8.96 38.73 -7.57
C VAL B 166 8.11 39.85 -8.23
N PRO B 167 7.54 40.75 -7.42
CA PRO B 167 6.77 41.87 -7.96
C PRO B 167 7.58 42.69 -8.96
N ALA B 168 8.83 42.99 -8.62
CA ALA B 168 9.72 43.73 -9.58
C ALA B 168 9.99 42.94 -10.84
N ILE B 169 10.37 41.66 -10.71
CA ILE B 169 10.65 40.81 -11.89
C ILE B 169 9.44 40.72 -12.79
N VAL B 170 8.30 40.39 -12.19
CA VAL B 170 7.06 40.16 -12.98
C VAL B 170 6.62 41.46 -13.69
N ALA B 171 6.55 42.58 -12.97
CA ALA B 171 6.19 43.83 -13.67
C ALA B 171 7.18 44.12 -14.82
N ALA B 172 8.47 43.86 -14.60
CA ALA B 172 9.44 44.14 -15.66
C ALA B 172 9.27 43.22 -16.90
N VAL B 173 9.06 41.94 -16.70
CA VAL B 173 8.81 41.03 -17.82
C VAL B 173 7.57 41.44 -18.57
N ARG B 174 6.51 41.78 -17.87
CA ARG B 174 5.24 42.04 -18.55
C ARG B 174 5.37 43.33 -19.34
N SER B 175 6.27 44.23 -18.90
CA SER B 175 6.39 45.55 -19.59
C SER B 175 7.07 45.35 -20.93
N VAL B 176 7.81 44.24 -21.10
CA VAL B 176 8.57 43.99 -22.33
C VAL B 176 8.01 42.83 -23.15
N VAL B 177 7.74 41.69 -22.49
CA VAL B 177 7.18 40.51 -23.14
C VAL B 177 5.85 40.11 -22.39
N PRO B 178 4.75 40.87 -22.58
CA PRO B 178 3.53 40.63 -21.77
C PRO B 178 3.02 39.19 -21.85
N ASP B 179 3.24 38.53 -22.98
CA ASP B 179 2.69 37.18 -23.23
C ASP B 179 3.67 36.02 -22.89
N ALA B 180 4.73 36.36 -22.19
CA ALA B 180 5.60 35.33 -21.63
C ALA B 180 4.80 34.45 -20.69
N ILE B 181 5.21 33.19 -20.59
CA ILE B 181 4.68 32.31 -19.56
C ILE B 181 5.68 32.43 -18.39
N ILE B 182 5.22 32.95 -17.27
CA ILE B 182 6.08 33.04 -16.11
C ILE B 182 5.70 31.87 -15.20
N MET B 183 6.69 31.10 -14.86
CA MET B 183 6.55 29.94 -13.96
C MET B 183 7.44 30.11 -12.73
N ILE B 184 7.03 29.49 -11.64
CA ILE B 184 7.86 29.46 -10.46
C ILE B 184 7.87 28.04 -9.87
N ASP B 185 9.06 27.60 -9.47
CA ASP B 185 9.22 26.42 -8.62
C ASP B 185 9.06 26.88 -7.17
N ASN B 186 7.86 26.63 -6.62
CA ASN B 186 7.43 27.16 -5.36
C ASN B 186 7.44 26.04 -4.26
N THR B 187 8.39 25.12 -4.37
CA THR B 187 8.46 23.97 -3.46
C THR B 187 8.78 24.34 -2.01
N TRP B 188 9.69 25.28 -1.85
CA TRP B 188 10.12 25.65 -0.49
C TRP B 188 8.99 26.24 0.33
N ALA B 189 8.10 26.97 -0.31
CA ALA B 189 6.95 27.57 0.38
C ALA B 189 5.73 26.65 0.48
N ALA B 190 5.87 25.46 -0.08
CA ALA B 190 4.85 24.46 -0.16
C ALA B 190 3.61 25.00 -0.88
N GLY B 191 3.78 25.95 -1.81
CA GLY B 191 2.62 26.52 -2.54
C GLY B 191 1.82 27.50 -1.71
N VAL B 192 2.06 27.52 -0.42
CA VAL B 192 1.12 28.18 0.47
C VAL B 192 1.71 29.35 1.24
N LEU B 193 3.03 29.34 1.50
CA LEU B 193 3.65 30.49 2.18
C LEU B 193 3.97 31.68 1.22
N PHE B 194 3.84 31.43 -0.06
CA PHE B 194 4.03 32.42 -1.12
C PHE B 194 2.95 32.12 -2.14
N LYS B 195 1.94 32.98 -2.24
CA LYS B 195 0.86 32.73 -3.17
C LYS B 195 1.21 33.23 -4.57
N ALA B 196 1.92 32.36 -5.29
CA ALA B 196 2.55 32.71 -6.59
C ALA B 196 1.52 33.29 -7.58
N LEU B 197 0.36 32.66 -7.68
CA LEU B 197 -0.60 33.08 -8.72
C LEU B 197 -1.19 34.50 -8.50
N ASP B 198 -1.21 34.93 -7.24
CA ASP B 198 -1.62 36.28 -6.82
C ASP B 198 -0.59 37.33 -7.22
N PHE B 199 0.63 36.92 -7.55
CA PHE B 199 1.70 37.83 -7.95
C PHE B 199 1.83 37.93 -9.45
N GLY B 200 0.86 37.41 -10.18
CA GLY B 200 0.88 37.45 -11.66
C GLY B 200 1.75 36.40 -12.35
N ILE B 201 2.18 35.39 -11.59
CA ILE B 201 2.85 34.21 -12.14
C ILE B 201 1.77 33.35 -12.75
N ASP B 202 2.10 32.72 -13.87
CA ASP B 202 1.13 31.89 -14.57
C ASP B 202 1.02 30.45 -14.01
N VAL B 203 2.18 29.88 -13.66
CA VAL B 203 2.25 28.46 -13.25
C VAL B 203 3.09 28.30 -12.01
N SER B 204 2.52 27.67 -10.99
CA SER B 204 3.23 27.44 -9.72
C SER B 204 3.50 25.95 -9.61
N ILE B 205 4.78 25.56 -9.57
CA ILE B 205 5.18 24.17 -9.64
C ILE B 205 5.70 23.78 -8.30
N GLN B 206 5.28 22.63 -7.83
CA GLN B 206 5.97 22.00 -6.72
C GLN B 206 6.40 20.57 -6.90
N ALA B 207 7.52 20.29 -6.21
CA ALA B 207 7.86 18.93 -5.80
C ALA B 207 7.06 18.63 -4.55
N ALA B 208 5.88 18.09 -4.77
CA ALA B 208 4.99 17.77 -3.68
C ALA B 208 5.63 16.69 -2.83
N THR B 209 6.59 15.96 -3.43
CA THR B 209 7.56 15.11 -2.78
C THR B 209 8.05 15.64 -1.41
N1 LLP B 210 12.43 21.52 -7.21
C2 LLP B 210 13.09 21.74 -6.06
C2' LLP B 210 13.26 23.09 -5.55
C3 LLP B 210 13.57 20.60 -5.43
O3 LLP B 210 14.24 20.75 -4.28
C4 LLP B 210 13.41 19.29 -5.93
C4' LLP B 210 13.90 18.21 -5.13
C5 LLP B 210 12.73 19.08 -7.12
C6 LLP B 210 12.27 20.23 -7.76
C5' LLP B 210 12.48 17.79 -7.80
OP4 LLP B 210 11.52 16.99 -7.14
P LLP B 210 11.50 15.36 -7.20
OP1 LLP B 210 10.09 15.17 -6.69
OP2 LLP B 210 12.82 15.10 -6.38
OP3 LLP B 210 11.71 15.13 -8.70
N LLP B 210 8.21 16.96 -1.34
CA LLP B 210 8.87 17.62 -0.19
CB LLP B 210 9.79 18.76 -0.73
CG LLP B 210 10.60 17.94 -1.76
CD LLP B 210 11.97 18.41 -1.83
CE LLP B 210 12.61 17.50 -2.93
NZ LLP B 210 13.31 18.44 -3.77
C LLP B 210 7.80 17.90 0.86
O LLP B 210 7.22 16.94 1.47
N TYR B 211 7.43 19.15 1.07
CA TYR B 211 6.51 19.43 2.19
C TYR B 211 5.08 18.87 2.09
N LEU B 212 4.48 18.78 0.90
CA LEU B 212 3.08 18.42 0.82
C LEU B 212 2.93 16.95 1.35
N VAL B 213 3.73 16.03 0.83
CA VAL B 213 3.74 14.65 1.33
C VAL B 213 4.24 14.66 2.79
N GLY B 214 5.33 15.33 3.04
CA GLY B 214 5.83 15.57 4.41
C GLY B 214 6.52 14.45 5.19
N HIS B 215 6.64 13.25 4.60
CA HIS B 215 7.22 12.10 5.31
C HIS B 215 8.34 11.34 4.55
N SER B 216 8.74 11.91 3.42
CA SER B 216 9.85 11.42 2.58
C SER B 216 9.54 10.03 2.00
N ASP B 217 8.29 9.72 1.75
CA ASP B 217 7.94 8.37 1.29
C ASP B 217 7.11 8.27 0.04
N ALA B 218 6.82 9.39 -0.57
CA ALA B 218 6.15 9.39 -1.88
C ALA B 218 6.78 10.50 -2.73
N MET B 219 6.76 10.28 -4.02
CA MET B 219 7.24 11.29 -5.00
C MET B 219 6.07 11.70 -5.91
N ILE B 220 5.97 12.99 -6.21
CA ILE B 220 4.89 13.54 -7.00
C ILE B 220 5.22 15.03 -7.24
N GLY B 221 4.91 15.47 -8.47
CA GLY B 221 4.92 16.87 -8.89
C GLY B 221 3.56 17.44 -9.21
N THR B 222 3.39 18.71 -8.91
CA THR B 222 2.17 19.43 -9.22
C THR B 222 2.50 20.73 -9.97
N ALA B 223 1.57 21.18 -10.81
CA ALA B 223 1.69 22.46 -11.47
C ALA B 223 0.32 23.08 -11.40
N VAL B 224 0.17 24.11 -10.55
CA VAL B 224 -1.12 24.81 -10.48
C VAL B 224 -1.07 26.01 -11.42
N CYS B 225 -2.09 26.17 -12.26
CA CYS B 225 -2.02 27.04 -13.45
C CYS B 225 -3.16 28.03 -13.33
N ASN B 226 -2.97 29.24 -13.81
CA ASN B 226 -4.09 30.16 -14.02
C ASN B 226 -5.00 29.72 -15.18
N ALA B 227 -6.13 30.40 -15.37
CA ALA B 227 -7.05 30.02 -16.44
C ALA B 227 -6.41 30.13 -17.80
N ARG B 228 -5.55 31.16 -17.95
CA ARG B 228 -4.84 31.40 -19.20
C ARG B 228 -4.07 30.18 -19.69
N CYS B 229 -3.28 29.55 -18.80
CA CYS B 229 -2.32 28.53 -19.15
C CYS B 229 -2.73 27.07 -18.91
N TRP B 230 -3.86 26.85 -18.23
CA TRP B 230 -4.27 25.50 -17.75
C TRP B 230 -4.45 24.55 -18.92
N GLU B 231 -5.25 24.92 -19.92
CA GLU B 231 -5.50 23.95 -20.99
C GLU B 231 -4.22 23.45 -21.70
N GLN B 232 -3.36 24.40 -22.07
CA GLN B 232 -2.15 24.03 -22.77
C GLN B 232 -1.22 23.14 -21.92
N LEU B 233 -1.06 23.45 -20.64
CA LEU B 233 -0.20 22.64 -19.76
C LEU B 233 -0.84 21.25 -19.66
N ARG B 234 -2.14 21.23 -19.41
CA ARG B 234 -2.84 19.97 -19.14
C ARG B 234 -2.74 19.03 -20.34
N GLU B 235 -3.04 19.58 -21.50
CA GLU B 235 -3.15 18.76 -22.71
C GLU B 235 -1.82 18.33 -23.24
N ASN B 236 -0.80 19.21 -23.11
CA ASN B 236 0.50 18.85 -23.62
C ASN B 236 1.19 17.92 -22.64
N ALA B 237 0.97 18.12 -21.34
CA ALA B 237 1.45 17.14 -20.37
C ALA B 237 0.81 15.78 -20.57
N TYR B 238 -0.49 15.77 -20.83
CA TYR B 238 -1.16 14.51 -21.15
C TYR B 238 -0.62 13.73 -22.35
N LEU B 239 -0.21 14.47 -23.40
CA LEU B 239 0.35 13.86 -24.59
C LEU B 239 1.71 13.22 -24.29
N MET B 240 2.35 13.69 -23.21
CA MET B 240 3.60 13.07 -22.75
C MET B 240 3.31 11.95 -21.72
N GLY B 241 2.04 11.63 -21.48
CA GLY B 241 1.72 10.58 -20.59
C GLY B 241 1.88 10.87 -19.13
N GLN B 242 1.95 12.12 -18.76
CA GLN B 242 2.11 12.48 -17.39
C GLN B 242 0.85 12.31 -16.53
N MET B 243 1.07 11.59 -15.44
CA MET B 243 0.07 11.30 -14.43
C MET B 243 0.84 10.82 -13.19
N VAL B 244 0.09 10.67 -12.09
CA VAL B 244 0.65 10.16 -10.86
C VAL B 244 -0.33 9.04 -10.41
N ASP B 245 0.13 8.06 -9.64
CA ASP B 245 -0.75 6.99 -9.18
C ASP B 245 -1.80 7.45 -8.12
N ALA B 246 -2.98 6.81 -8.09
CA ALA B 246 -4.05 7.22 -7.18
C ALA B 246 -3.64 7.18 -5.72
N ASP B 247 -2.83 6.18 -5.36
CA ASP B 247 -2.42 6.05 -3.97
C ASP B 247 -1.53 7.22 -3.55
N THR B 248 -0.55 7.59 -4.38
CA THR B 248 0.26 8.81 -4.12
C THR B 248 -0.65 10.05 -4.09
N ALA B 249 -1.58 10.18 -5.02
CA ALA B 249 -2.49 11.31 -4.87
C ALA B 249 -3.18 11.35 -3.53
N TYR B 250 -3.68 10.21 -3.07
CA TYR B 250 -4.29 10.14 -1.77
C TYR B 250 -3.30 10.56 -0.64
N ILE B 251 -2.07 10.10 -0.71
CA ILE B 251 -1.13 10.44 0.35
C ILE B 251 -0.74 11.90 0.31
N THR B 252 -0.82 12.52 -0.86
CA THR B 252 -0.52 13.97 -0.96
C THR B 252 -1.64 14.77 -0.36
N SER B 253 -2.88 14.46 -0.69
CA SER B 253 -4.07 15.05 -0.04
C SER B 253 -3.99 14.92 1.48
N ARG B 254 -3.59 13.74 1.92
CA ARG B 254 -3.48 13.44 3.35
C ARG B 254 -2.37 14.27 3.98
N GLY B 255 -1.29 14.53 3.27
CA GLY B 255 -0.19 15.39 3.77
C GLY B 255 -0.69 16.81 4.02
N LEU B 256 -1.60 17.30 3.18
CA LEU B 256 -2.08 18.65 3.33
C LEU B 256 -2.63 18.87 4.72
N ARG B 257 -3.20 17.81 5.31
CA ARG B 257 -3.94 17.99 6.58
C ARG B 257 -3.05 18.41 7.73
N THR B 258 -1.79 17.99 7.70
CA THR B 258 -0.91 18.40 8.76
C THR B 258 0.12 19.47 8.30
N LEU B 259 -0.04 19.99 7.11
CA LEU B 259 0.96 20.90 6.53
C LEU B 259 1.11 22.18 7.41
N GLY B 260 0.01 22.69 7.95
CA GLY B 260 0.08 23.88 8.81
C GLY B 260 0.83 23.70 10.08
N VAL B 261 0.50 22.67 10.81
CA VAL B 261 1.18 22.37 12.08
C VAL B 261 2.65 22.01 11.84
N ARG B 262 2.95 21.31 10.75
CA ARG B 262 4.34 20.98 10.39
C ARG B 262 5.06 22.26 10.00
N LEU B 263 4.53 23.01 9.04
CA LEU B 263 5.31 24.23 8.62
C LEU B 263 5.58 25.19 9.83
N ARG B 264 4.63 25.32 10.75
CA ARG B 264 4.89 26.26 11.88
C ARG B 264 6.08 25.75 12.73
N GLN B 265 6.17 24.43 12.96
CA GLN B 265 7.32 23.85 13.71
C GLN B 265 8.64 24.00 12.93
N HIS B 266 8.61 23.73 11.64
CA HIS B 266 9.82 23.87 10.78
C HIS B 266 10.32 25.36 10.81
N HIS B 267 9.41 26.31 10.76
CA HIS B 267 9.77 27.73 10.83
C HIS B 267 10.39 28.01 12.19
N GLU B 268 9.66 27.72 13.26
CA GLU B 268 10.10 28.09 14.60
C GLU B 268 11.45 27.45 14.91
N SER B 269 11.59 26.16 14.66
CA SER B 269 12.85 25.47 14.89
C SER B 269 13.97 25.98 13.96
N SER B 270 13.72 26.09 12.67
CA SER B 270 14.82 26.45 11.75
C SER B 270 15.28 27.87 12.02
N LEU B 271 14.34 28.76 12.39
CA LEU B 271 14.82 30.13 12.72
C LEU B 271 15.67 30.16 14.01
N LYS B 272 15.30 29.36 15.02
CA LYS B 272 16.05 29.32 16.23
C LYS B 272 17.46 28.78 15.88
N VAL B 273 17.55 27.72 15.09
CA VAL B 273 18.85 27.18 14.64
C VAL B 273 19.71 28.23 13.88
N ALA B 274 19.06 28.88 12.94
CA ALA B 274 19.68 29.95 12.13
C ALA B 274 20.25 31.07 13.01
N GLU B 275 19.45 31.53 13.98
CA GLU B 275 19.87 32.60 14.91
C GLU B 275 21.11 32.17 15.70
N TRP B 276 21.12 30.94 16.21
CA TRP B 276 22.27 30.37 16.93
C TRP B 276 23.45 30.22 16.02
N LEU B 277 23.24 29.74 14.80
CA LEU B 277 24.35 29.65 13.85
C LEU B 277 24.96 31.02 13.51
N ALA B 278 24.15 32.04 13.36
CA ALA B 278 24.68 33.37 13.02
C ALA B 278 25.68 33.80 14.09
N GLU B 279 25.44 33.36 15.33
CA GLU B 279 26.22 33.87 16.50
C GLU B 279 27.47 33.03 16.70
N HIS B 280 27.56 31.91 15.98
CA HIS B 280 28.56 30.91 16.26
C HIS B 280 29.89 31.31 15.61
N PRO B 281 31.01 31.15 16.36
CA PRO B 281 32.28 31.63 15.81
C PRO B 281 32.86 30.86 14.62
N GLN B 282 32.41 29.63 14.37
CA GLN B 282 32.87 28.84 13.21
C GLN B 282 32.02 29.07 11.92
N VAL B 283 31.01 29.93 12.02
CA VAL B 283 30.12 30.24 10.91
C VAL B 283 30.36 31.62 10.30
N ALA B 284 30.49 31.62 8.98
CA ALA B 284 30.75 32.84 8.20
C ALA B 284 29.45 33.61 7.91
N ARG B 285 28.41 32.89 7.54
CA ARG B 285 27.16 33.50 7.12
C ARG B 285 26.03 32.45 7.20
N VAL B 286 24.83 32.94 7.44
CA VAL B 286 23.62 32.14 7.40
C VAL B 286 22.69 32.64 6.29
N ASN B 287 22.27 31.68 5.45
CA ASN B 287 21.35 31.91 4.34
C ASN B 287 20.01 31.36 4.74
N HIS B 288 19.18 32.14 5.43
CA HIS B 288 17.83 31.72 5.79
C HIS B 288 16.90 32.86 5.42
N PRO B 289 15.95 32.66 4.53
CA PRO B 289 15.05 33.73 4.15
C PRO B 289 14.46 34.57 5.27
N ALA B 290 14.24 33.95 6.45
CA ALA B 290 13.60 34.62 7.56
C ALA B 290 14.55 35.34 8.47
N LEU B 291 15.85 35.24 8.20
CA LEU B 291 16.86 35.79 9.08
C LEU B 291 17.31 37.10 8.46
N PRO B 292 17.24 38.18 9.23
CA PRO B 292 17.74 39.43 8.64
C PRO B 292 19.18 39.30 8.15
N GLY B 293 19.50 39.97 7.04
CA GLY B 293 20.78 39.92 6.44
C GLY B 293 20.96 38.93 5.30
N SER B 294 20.05 37.96 5.21
CA SER B 294 20.06 37.00 4.15
C SER B 294 19.66 37.65 2.82
N LYS B 295 20.13 37.14 1.68
CA LYS B 295 19.80 37.75 0.38
C LYS B 295 18.29 37.73 0.08
N GLY B 296 17.72 38.90 -0.14
CA GLY B 296 16.27 38.96 -0.34
C GLY B 296 15.35 38.83 0.88
N HIS B 297 15.89 38.92 2.12
CA HIS B 297 15.08 38.83 3.36
C HIS B 297 13.93 39.79 3.36
N GLU B 298 14.16 41.02 2.91
CA GLU B 298 13.13 42.05 2.98
C GLU B 298 11.99 41.74 2.02
N PHE B 299 12.31 41.07 0.90
CA PHE B 299 11.30 40.53 -0.02
C PHE B 299 10.50 39.36 0.62
N TRP B 300 11.21 38.44 1.29
CA TRP B 300 10.53 37.43 2.08
C TRP B 300 9.57 38.05 3.10
N LYS B 301 10.03 39.05 3.87
CA LYS B 301 9.23 39.73 4.86
C LYS B 301 7.96 40.27 4.26
N ARG B 302 8.07 40.83 3.07
CA ARG B 302 6.93 41.50 2.45
C ARG B 302 5.98 40.54 1.77
N ASP B 303 6.54 39.51 1.13
CA ASP B 303 5.81 38.70 0.17
C ASP B 303 5.33 37.31 0.68
N PHE B 304 6.00 36.76 1.67
CA PHE B 304 5.64 35.44 2.24
C PHE B 304 4.86 35.56 3.49
N THR B 305 4.01 34.57 3.78
CA THR B 305 3.31 34.53 5.06
C THR B 305 3.92 33.56 6.05
N GLY B 306 5.11 33.05 5.77
CA GLY B 306 5.77 32.18 6.68
C GLY B 306 7.05 31.66 6.08
N SER B 307 7.75 30.80 6.84
CA SER B 307 8.93 30.07 6.37
C SER B 307 8.73 28.56 6.52
N SER B 308 9.43 27.80 5.68
CA SER B 308 9.69 26.40 5.99
C SER B 308 10.98 26.13 6.79
N GLY B 309 11.53 24.92 6.67
CA GLY B 309 12.62 24.51 7.53
C GLY B 309 13.93 24.27 6.84
N LEU B 310 14.01 24.56 5.54
CA LEU B 310 15.23 24.37 4.75
C LEU B 310 16.01 25.67 4.60
N PHE B 311 17.32 25.63 4.93
CA PHE B 311 18.20 26.76 4.74
C PHE B 311 19.63 26.30 4.67
N SER B 312 20.59 27.24 4.47
CA SER B 312 22.00 26.84 4.45
C SER B 312 22.83 27.82 5.27
N PHE B 313 24.08 27.40 5.54
CA PHE B 313 25.02 28.28 6.20
C PHE B 313 26.44 27.97 5.61
N VAL B 314 27.32 28.96 5.71
CA VAL B 314 28.62 28.87 5.16
C VAL B 314 29.58 28.89 6.35
N LEU B 315 30.43 27.91 6.40
CA LEU B 315 31.47 27.77 7.44
C LEU B 315 32.60 28.79 7.15
N LYS B 316 33.33 29.19 8.18
CA LYS B 316 34.52 30.02 7.96
C LYS B 316 35.60 29.22 7.22
N LYS B 317 35.63 27.92 7.47
CA LYS B 317 36.61 27.06 6.81
C LYS B 317 36.06 26.49 5.50
N LYS B 318 36.96 26.32 4.51
CA LYS B 318 36.74 25.35 3.41
C LYS B 318 37.31 24.04 3.87
N LEU B 319 36.45 23.08 4.22
CA LEU B 319 36.91 21.79 4.74
C LEU B 319 37.64 21.01 3.65
N ASN B 320 38.77 20.41 4.02
CA ASN B 320 39.39 19.38 3.23
C ASN B 320 38.60 18.10 3.43
N ASN B 321 39.02 17.07 2.73
CA ASN B 321 38.26 15.82 2.69
C ASN B 321 38.16 15.08 4.03
N GLU B 322 39.25 15.06 4.78
CA GLU B 322 39.27 14.41 6.07
C GLU B 322 38.36 15.14 7.07
N GLU B 323 38.31 16.49 7.02
CA GLU B 323 37.46 17.25 7.92
C GLU B 323 36.01 17.09 7.51
N LEU B 324 35.72 16.99 6.20
CA LEU B 324 34.33 16.80 5.71
C LEU B 324 33.78 15.52 6.30
N ALA B 325 34.57 14.46 6.23
CA ALA B 325 34.18 13.14 6.70
C ALA B 325 33.92 13.17 8.17
N ASN B 326 34.88 13.74 8.91
CA ASN B 326 34.80 13.78 10.34
C ASN B 326 33.59 14.56 10.81
N TYR B 327 33.32 15.64 10.10
CA TYR B 327 32.10 16.42 10.35
C TYR B 327 30.85 15.58 10.03
N LEU B 328 30.66 15.23 8.76
CA LEU B 328 29.36 14.66 8.34
C LEU B 328 29.12 13.25 8.87
N ASP B 329 30.18 12.46 9.04
CA ASP B 329 29.93 11.04 9.29
C ASP B 329 29.46 10.78 10.70
N ASN B 330 29.65 11.75 11.60
CA ASN B 330 29.48 11.47 13.03
C ASN B 330 28.29 12.16 13.66
N PHE B 331 27.37 12.61 12.84
CA PHE B 331 26.20 13.18 13.43
C PHE B 331 25.30 12.11 14.07
N SER B 332 24.56 12.51 15.09
CA SER B 332 23.66 11.59 15.76
C SER B 332 22.20 11.75 15.36
N LEU B 333 21.79 12.98 15.07
CA LEU B 333 20.39 13.20 14.73
C LEU B 333 20.18 13.58 13.26
N PHE B 334 21.04 14.47 12.73
CA PHE B 334 21.04 14.82 11.31
C PHE B 334 21.51 13.62 10.51
N SER B 335 20.87 13.37 9.39
CA SER B 335 21.26 12.31 8.45
C SER B 335 21.62 12.94 7.13
N MET B 336 22.52 12.32 6.39
CA MET B 336 22.80 12.71 5.02
C MET B 336 21.89 11.97 4.06
N ALA B 337 21.24 12.74 3.18
CA ALA B 337 20.33 12.26 2.15
C ALA B 337 19.89 13.45 1.31
N TYR B 338 19.50 13.18 0.09
CA TYR B 338 18.92 14.21 -0.74
C TYR B 338 17.44 14.28 -0.41
N SER B 339 16.77 15.23 -1.04
CA SER B 339 15.40 15.63 -0.68
C SER B 339 15.39 16.30 0.71
N TRP B 340 14.20 16.66 1.12
CA TRP B 340 13.95 17.45 2.29
C TRP B 340 12.40 17.62 2.40
N GLY B 341 11.95 18.35 3.38
CA GLY B 341 10.52 18.61 3.57
C GLY B 341 9.81 17.53 4.38
N GLY B 342 10.59 16.59 4.93
CA GLY B 342 10.06 15.58 5.82
C GLY B 342 10.10 15.91 7.26
N TYR B 343 9.87 14.91 8.09
CA TYR B 343 9.78 15.08 9.55
C TYR B 343 11.16 15.04 10.18
N GLU B 344 12.16 14.51 9.49
CA GLU B 344 13.51 14.40 10.08
C GLU B 344 14.52 15.41 9.51
N SER B 345 15.58 15.66 10.27
CA SER B 345 16.55 16.66 9.93
C SER B 345 17.62 16.03 9.06
N LEU B 346 18.01 16.79 8.05
CA LEU B 346 19.05 16.34 7.07
C LEU B 346 20.16 17.38 6.96
N ILE B 347 21.30 16.88 6.52
CA ILE B 347 22.48 17.71 6.35
C ILE B 347 23.19 17.27 5.07
N LEU B 348 23.69 18.24 4.33
CA LEU B 348 24.49 17.99 3.17
C LEU B 348 25.53 19.10 3.10
N ALA B 349 26.70 18.78 2.57
CA ALA B 349 27.72 19.75 2.31
C ALA B 349 27.87 20.02 0.79
N ASN B 350 28.22 21.27 0.43
CA ASN B 350 28.55 21.61 -0.93
C ASN B 350 29.80 22.49 -0.89
N GLN B 351 30.82 22.11 -1.63
CA GLN B 351 32.00 22.99 -1.73
C GLN B 351 31.71 24.14 -2.70
N PRO B 352 32.37 25.31 -2.49
CA PRO B 352 32.14 26.50 -3.27
C PRO B 352 32.35 26.15 -4.76
N GLU B 353 33.41 25.42 -5.09
CA GLU B 353 33.60 25.07 -6.51
C GLU B 353 32.44 24.20 -7.12
N HIS B 354 31.75 23.39 -6.29
CA HIS B 354 30.61 22.57 -6.73
C HIS B 354 29.43 23.50 -7.05
N ILE B 355 29.19 24.47 -6.18
CA ILE B 355 28.08 25.42 -6.42
C ILE B 355 28.38 26.37 -7.58
N ALA B 356 29.64 26.80 -7.71
CA ALA B 356 30.01 27.65 -8.85
C ALA B 356 29.65 26.99 -10.19
N ALA B 357 29.86 25.68 -10.28
CA ALA B 357 29.54 24.88 -11.48
C ALA B 357 28.06 24.80 -11.82
N ILE B 358 27.19 25.13 -10.86
CA ILE B 358 25.73 25.11 -11.13
C ILE B 358 25.13 26.46 -10.97
N ARG B 359 25.97 27.50 -11.15
CA ARG B 359 25.57 28.92 -11.13
C ARG B 359 25.95 29.59 -12.47
N PRO B 360 25.19 29.23 -13.53
CA PRO B 360 25.60 29.68 -14.84
C PRO B 360 25.42 31.19 -15.01
N GLN B 361 26.30 31.83 -15.75
CA GLN B 361 26.15 33.24 -16.04
C GLN B 361 26.03 34.09 -14.80
N GLY B 362 26.82 33.73 -13.80
CA GLY B 362 26.81 34.42 -12.53
C GLY B 362 27.93 33.94 -11.66
N GLU B 363 28.20 34.68 -10.60
CA GLU B 363 29.29 34.25 -9.69
C GLU B 363 28.75 33.96 -8.31
N ILE B 364 29.47 33.11 -7.57
CA ILE B 364 29.09 32.82 -6.20
C ILE B 364 29.63 33.92 -5.29
N ASP B 365 29.15 33.93 -4.05
CA ASP B 365 29.43 35.00 -3.07
C ASP B 365 30.05 34.49 -1.74
N PHE B 366 30.60 33.29 -1.76
CA PHE B 366 31.19 32.70 -0.55
C PHE B 366 32.36 31.86 -0.90
N SER B 367 33.21 31.57 0.07
CA SER B 367 34.38 30.71 -0.15
C SER B 367 34.57 29.61 0.90
N GLY B 368 33.79 29.60 1.97
CA GLY B 368 33.78 28.46 2.89
C GLY B 368 32.89 27.30 2.40
N THR B 369 32.94 26.18 3.11
CA THR B 369 32.09 25.01 2.77
C THR B 369 30.66 25.40 3.08
N LEU B 370 29.74 25.08 2.19
CA LEU B 370 28.34 25.43 2.46
C LEU B 370 27.66 24.16 2.96
N ILE B 371 26.88 24.31 4.00
CA ILE B 371 26.11 23.23 4.60
C ILE B 371 24.63 23.56 4.47
N ARG B 372 23.89 22.64 3.82
CA ARG B 372 22.45 22.82 3.71
C ARG B 372 21.78 21.94 4.80
N LEU B 373 20.88 22.55 5.56
CA LEU B 373 20.17 21.90 6.65
C LEU B 373 18.68 21.82 6.32
N HIS B 374 18.08 20.66 6.56
CA HIS B 374 16.63 20.60 6.69
C HIS B 374 16.34 20.35 8.16
N ILE B 375 15.65 21.27 8.80
CA ILE B 375 15.26 21.14 10.21
C ILE B 375 13.84 20.51 10.26
N GLY B 376 13.83 19.29 10.77
CA GLY B 376 12.63 18.54 10.96
C GLY B 376 11.92 18.83 12.27
N LEU B 377 11.24 17.82 12.75
CA LEU B 377 10.38 17.92 13.93
C LEU B 377 10.96 17.51 15.25
N GLU B 378 12.26 17.22 15.28
CA GLU B 378 12.94 16.87 16.50
C GLU B 378 13.03 18.07 17.45
N ASP B 379 13.28 17.76 18.71
CA ASP B 379 13.52 18.83 19.67
C ASP B 379 14.65 19.73 19.19
N VAL B 380 14.40 21.03 19.18
CA VAL B 380 15.34 22.02 18.55
C VAL B 380 16.66 22.07 19.34
N ASP B 381 16.57 21.95 20.66
CA ASP B 381 17.79 21.94 21.49
C ASP B 381 18.65 20.69 21.31
N ASP B 382 18.03 19.53 21.07
CA ASP B 382 18.76 18.34 20.63
C ASP B 382 19.49 18.57 19.28
N LEU B 383 18.82 19.19 18.34
CA LEU B 383 19.43 19.43 17.04
C LEU B 383 20.62 20.38 17.19
N ILE B 384 20.43 21.43 17.97
CA ILE B 384 21.50 22.41 18.20
C ILE B 384 22.69 21.69 18.88
N ALA B 385 22.44 20.81 19.86
CA ALA B 385 23.53 20.03 20.47
C ALA B 385 24.28 19.15 19.50
N ASP B 386 23.57 18.55 18.53
CA ASP B 386 24.22 17.74 17.49
C ASP B 386 25.07 18.63 16.58
N LEU B 387 24.56 19.81 16.21
CA LEU B 387 25.35 20.72 15.40
C LEU B 387 26.62 21.19 16.18
N ASP B 388 26.45 21.48 17.46
CA ASP B 388 27.60 21.95 18.27
C ASP B 388 28.66 20.88 18.40
N ALA B 389 28.24 19.64 18.56
CA ALA B 389 29.20 18.52 18.55
C ALA B 389 29.90 18.45 17.22
N GLY B 390 29.17 18.68 16.11
CA GLY B 390 29.79 18.81 14.81
C GLY B 390 30.84 19.89 14.72
N PHE B 391 30.53 21.09 15.19
CA PHE B 391 31.55 22.16 15.21
C PHE B 391 32.85 21.72 15.96
N ALA B 392 32.70 21.01 17.06
CA ALA B 392 33.89 20.62 17.84
C ALA B 392 34.79 19.62 17.12
N ARG B 393 34.26 18.91 16.12
CA ARG B 393 34.98 18.00 15.27
C ARG B 393 35.79 18.68 14.15
N ILE B 394 35.57 19.97 13.89
CA ILE B 394 36.30 20.67 12.82
C ILE B 394 36.89 21.99 13.33
N VAL B 395 36.97 22.15 14.65
CA VAL B 395 37.72 23.29 15.16
C VAL B 395 39.17 22.99 14.75
N1 EPE C . 2.66 -23.73 11.40
C2 EPE C . 3.67 -22.85 12.04
C3 EPE C . 4.16 -23.43 13.36
N4 EPE C . 3.10 -23.87 14.28
C5 EPE C . 1.72 -23.77 13.76
C6 EPE C . 1.48 -24.02 12.27
C7 EPE C . 3.27 -23.32 15.63
C8 EPE C . 2.32 -23.85 16.72
O8 EPE C . 0.97 -23.41 16.58
C9 EPE C . 2.28 -23.22 10.05
C10 EPE C . 1.75 -24.38 9.21
S EPE C . 1.17 -23.87 7.56
O1S EPE C . 2.46 -23.79 6.95
O2S EPE C . 0.55 -22.53 7.69
O3S EPE C . 0.21 -24.89 7.07
N1 EPE D . 19.93 16.16 -6.38
C2 EPE D . 21.09 15.22 -6.35
C3 EPE D . 21.73 14.94 -7.72
N4 EPE D . 21.82 16.12 -8.57
C5 EPE D . 20.52 16.71 -8.74
C6 EPE D . 19.91 17.21 -7.43
C7 EPE D . 22.55 15.95 -9.83
C8 EPE D . 21.77 15.58 -11.12
O8 EPE D . 21.13 16.68 -11.77
C9 EPE D . 18.89 16.18 -5.31
C10 EPE D . 18.87 17.53 -4.59
S EPE D . 17.64 17.81 -3.29
O1S EPE D . 18.21 17.21 -2.09
O2S EPE D . 16.38 17.17 -3.73
O3S EPE D . 17.40 19.30 -3.12
#